data_1MK9
#
_entry.id   1MK9
#
_cell.length_a   50.257
_cell.length_b   141.763
_cell.length_c   59.597
_cell.angle_alpha   90.00
_cell.angle_beta   90.11
_cell.angle_gamma   90.00
#
_symmetry.space_group_name_H-M   'P 1 21 1'
#
loop_
_entity.id
_entity.type
_entity.pdbx_description
1 polymer 'Integrin Beta3'
2 polymer TALIN
3 water water
#
loop_
_entity_poly.entity_id
_entity_poly.type
_entity_poly.pdbx_seq_one_letter_code
_entity_poly.pdbx_strand_id
1 'polypeptide(L)' GSHMWDTANNPLYKEA A,C,E,G
2 'polypeptide(L)'
;PVQLNLLYVQARDDILNGSHPVSFDKACEFAGYQCQIQFGPHNEQKHKPGFLELKDFLPKEYIKQKGERKIFMAHKNCGN
MSEIEAKVRYVKLARSLKTYGVSFFLVKEKMKGKNKLVPRLLGITKECVMRVDEKTKEVIQEWSLTNIKRWAASPKSFTL
DFGDYQDGYYSVQTTEGEQIAQLIAGYIDIIL
;
B,D,F,H
#
# COMPACT_ATOMS: atom_id res chain seq x y z
N MET A 4 -3.22 -28.47 23.02
CA MET A 4 -4.37 -28.11 23.91
C MET A 4 -5.47 -27.59 23.01
N TRP A 5 -6.50 -28.39 22.83
CA TRP A 5 -7.56 -28.02 21.90
C TRP A 5 -8.95 -27.65 22.35
N ASP A 6 -9.49 -26.68 21.62
CA ASP A 6 -10.83 -26.17 21.80
C ASP A 6 -11.42 -26.13 20.38
N THR A 7 -12.24 -27.13 20.10
CA THR A 7 -12.87 -27.28 18.80
C THR A 7 -14.15 -26.49 18.65
N ALA A 8 -14.45 -26.11 17.40
CA ALA A 8 -15.65 -25.36 17.11
C ALA A 8 -16.84 -26.29 16.98
N ASN A 9 -16.59 -27.60 17.01
CA ASN A 9 -17.70 -28.54 16.84
C ASN A 9 -18.43 -27.98 15.61
N ASN A 10 -17.62 -27.75 14.58
CA ASN A 10 -18.05 -27.21 13.29
C ASN A 10 -18.54 -28.36 12.41
N PRO A 11 -19.76 -28.26 11.86
CA PRO A 11 -20.25 -29.35 11.01
C PRO A 11 -19.36 -29.79 9.82
N LEU A 12 -18.38 -28.98 9.45
CA LEU A 12 -17.51 -29.39 8.35
C LEU A 12 -16.70 -30.60 8.79
N TYR A 13 -16.30 -30.61 10.05
CA TYR A 13 -15.49 -31.71 10.61
C TYR A 13 -16.29 -32.63 11.53
N LYS A 14 -16.73 -32.12 12.67
CA LYS A 14 -17.53 -32.92 13.58
C LYS A 14 -18.53 -33.66 12.72
N GLU A 15 -18.67 -34.94 13.02
CA GLU A 15 -19.61 -35.82 12.35
C GLU A 15 -21.04 -35.38 12.35
N ALA A 16 -21.55 -34.70 11.32
CA ALA A 16 -22.95 -34.42 11.43
C ALA A 16 -23.25 -34.83 10.03
N PRO B 1 -23.29 -36.15 9.82
CA PRO B 1 -23.57 -36.59 8.45
C PRO B 1 -24.79 -35.89 7.85
N VAL B 2 -25.87 -35.82 8.63
CA VAL B 2 -27.10 -35.21 8.18
C VAL B 2 -26.99 -33.70 8.10
N GLN B 3 -26.08 -33.10 8.87
CA GLN B 3 -25.91 -31.65 8.86
C GLN B 3 -24.93 -31.23 7.74
N LEU B 4 -23.83 -31.95 7.59
CA LEU B 4 -22.87 -31.62 6.53
C LEU B 4 -23.58 -31.71 5.19
N ASN B 5 -24.48 -32.68 5.10
CA ASN B 5 -25.23 -32.91 3.88
C ASN B 5 -26.18 -31.74 3.57
N LEU B 6 -26.72 -31.16 4.64
CA LEU B 6 -27.66 -30.06 4.54
C LEU B 6 -26.89 -28.88 3.95
N LEU B 7 -25.62 -28.76 4.30
CA LEU B 7 -24.79 -27.68 3.80
C LEU B 7 -24.39 -27.89 2.36
N TYR B 8 -24.02 -29.13 2.02
CA TYR B 8 -23.66 -29.49 0.66
C TYR B 8 -24.85 -29.28 -0.27
N VAL B 9 -25.97 -29.91 0.06
CA VAL B 9 -27.16 -29.80 -0.77
C VAL B 9 -27.59 -28.37 -0.96
N GLN B 10 -27.57 -27.58 0.12
CA GLN B 10 -27.94 -26.17 0.04
C GLN B 10 -27.03 -25.50 -0.99
N ALA B 11 -25.74 -25.55 -0.71
CA ALA B 11 -24.74 -24.95 -1.57
C ALA B 11 -24.83 -25.45 -3.00
N ARG B 12 -24.91 -26.76 -3.17
CA ARG B 12 -24.98 -27.33 -4.51
C ARG B 12 -26.19 -26.81 -5.29
N ASP B 13 -27.32 -26.76 -4.60
CA ASP B 13 -28.56 -26.33 -5.19
C ASP B 13 -28.54 -24.86 -5.60
N ASP B 14 -27.89 -24.02 -4.80
CA ASP B 14 -27.81 -22.62 -5.16
C ASP B 14 -27.00 -22.43 -6.43
N ILE B 15 -25.97 -23.25 -6.62
CA ILE B 15 -25.14 -23.14 -7.81
C ILE B 15 -25.79 -23.72 -9.03
N LEU B 16 -26.53 -24.80 -8.86
CA LEU B 16 -27.18 -25.41 -9.99
C LEU B 16 -28.27 -24.48 -10.53
N ASN B 17 -29.12 -23.97 -9.65
CA ASN B 17 -30.20 -23.08 -10.06
C ASN B 17 -29.75 -21.66 -10.37
N GLY B 18 -28.44 -21.43 -10.40
CA GLY B 18 -27.94 -20.12 -10.74
C GLY B 18 -28.05 -19.02 -9.68
N SER B 19 -28.34 -19.40 -8.44
CA SER B 19 -28.44 -18.42 -7.35
C SER B 19 -27.04 -17.94 -7.02
N HIS B 20 -26.10 -18.88 -6.97
CA HIS B 20 -24.73 -18.53 -6.67
C HIS B 20 -23.90 -18.57 -7.96
N PRO B 21 -23.71 -17.40 -8.60
CA PRO B 21 -22.96 -17.18 -9.85
C PRO B 21 -21.48 -17.54 -9.81
N VAL B 22 -21.12 -18.63 -10.46
CA VAL B 22 -19.72 -19.03 -10.49
C VAL B 22 -19.16 -19.03 -11.91
N SER B 23 -17.86 -19.26 -11.99
CA SER B 23 -17.21 -19.31 -13.29
C SER B 23 -17.32 -20.71 -13.88
N PHE B 24 -17.21 -20.78 -15.20
CA PHE B 24 -17.25 -22.04 -15.93
C PHE B 24 -16.37 -23.05 -15.21
N ASP B 25 -15.11 -22.66 -15.06
CA ASP B 25 -14.09 -23.48 -14.40
C ASP B 25 -14.46 -23.94 -12.99
N LYS B 26 -15.03 -23.07 -12.18
CA LYS B 26 -15.41 -23.46 -10.83
C LYS B 26 -16.57 -24.43 -10.90
N ALA B 27 -17.56 -24.11 -11.72
CA ALA B 27 -18.73 -24.98 -11.86
C ALA B 27 -18.32 -26.43 -12.18
N CYS B 28 -17.27 -26.58 -12.98
CA CYS B 28 -16.77 -27.90 -13.35
C CYS B 28 -16.01 -28.54 -12.19
N GLU B 29 -15.46 -27.70 -11.32
CA GLU B 29 -14.74 -28.22 -10.16
C GLU B 29 -15.80 -28.78 -9.24
N PHE B 30 -16.88 -28.01 -9.14
CA PHE B 30 -18.00 -28.39 -8.31
C PHE B 30 -18.59 -29.70 -8.82
N ALA B 31 -18.83 -29.80 -10.13
CA ALA B 31 -19.41 -31.02 -10.65
C ALA B 31 -18.45 -32.15 -10.29
N GLY B 32 -17.17 -31.90 -10.48
CA GLY B 32 -16.19 -32.90 -10.13
C GLY B 32 -16.63 -33.50 -8.83
N TYR B 33 -16.52 -32.75 -7.73
CA TYR B 33 -16.92 -33.27 -6.42
C TYR B 33 -18.28 -33.94 -6.49
N GLN B 34 -19.24 -33.26 -7.10
CA GLN B 34 -20.57 -33.79 -7.23
C GLN B 34 -20.54 -35.18 -7.84
N CYS B 35 -19.60 -35.44 -8.71
CA CYS B 35 -19.50 -36.76 -9.31
C CYS B 35 -18.89 -37.72 -8.30
N GLN B 36 -17.90 -37.22 -7.58
CA GLN B 36 -17.22 -38.02 -6.58
C GLN B 36 -18.21 -38.45 -5.50
N ILE B 37 -19.15 -37.56 -5.18
CA ILE B 37 -20.15 -37.83 -4.15
C ILE B 37 -21.22 -38.82 -4.60
N GLN B 38 -21.72 -38.63 -5.82
CA GLN B 38 -22.78 -39.48 -6.36
C GLN B 38 -22.32 -40.80 -6.97
N PHE B 39 -21.12 -40.85 -7.54
CA PHE B 39 -20.69 -42.09 -8.18
C PHE B 39 -19.56 -42.82 -7.50
N GLY B 40 -18.79 -42.10 -6.68
CA GLY B 40 -17.67 -42.70 -6.01
C GLY B 40 -16.40 -42.35 -6.76
N PRO B 41 -15.27 -42.97 -6.42
CA PRO B 41 -13.98 -42.70 -7.08
C PRO B 41 -14.09 -42.84 -8.59
N HIS B 42 -13.50 -41.91 -9.34
CA HIS B 42 -13.57 -41.94 -10.79
C HIS B 42 -13.08 -43.25 -11.42
N ASN B 43 -13.90 -43.78 -12.34
CA ASN B 43 -13.64 -45.02 -13.09
C ASN B 43 -13.66 -44.67 -14.59
N GLU B 44 -12.48 -44.44 -15.16
CA GLU B 44 -12.35 -44.05 -16.58
C GLU B 44 -12.85 -45.06 -17.62
N GLN B 45 -13.80 -45.90 -17.24
CA GLN B 45 -14.37 -46.92 -18.15
C GLN B 45 -15.87 -47.00 -17.97
N LYS B 46 -16.45 -45.85 -17.56
CA LYS B 46 -17.91 -45.76 -17.31
C LYS B 46 -18.11 -44.24 -17.48
N HIS B 47 -17.33 -43.52 -16.67
CA HIS B 47 -17.30 -42.08 -16.60
C HIS B 47 -16.53 -41.38 -17.72
N LYS B 48 -17.16 -41.32 -18.90
CA LYS B 48 -16.57 -40.66 -20.07
C LYS B 48 -17.69 -39.78 -20.62
N PRO B 49 -17.33 -38.73 -21.38
CA PRO B 49 -18.35 -37.83 -21.95
C PRO B 49 -19.52 -38.61 -22.50
N GLY B 50 -20.73 -38.14 -22.24
CA GLY B 50 -21.90 -38.86 -22.72
C GLY B 50 -22.55 -39.54 -21.54
N PHE B 51 -21.75 -39.83 -20.52
CA PHE B 51 -22.25 -40.47 -19.31
C PHE B 51 -23.13 -39.56 -18.48
N LEU B 52 -22.79 -38.28 -18.35
CA LEU B 52 -23.57 -37.35 -17.51
C LEU B 52 -24.76 -36.61 -18.10
N GLU B 53 -25.75 -36.36 -17.24
CA GLU B 53 -26.92 -35.59 -17.61
C GLU B 53 -26.49 -34.18 -17.17
N LEU B 54 -25.64 -33.56 -17.99
CA LEU B 54 -25.12 -32.24 -17.66
C LEU B 54 -26.10 -31.26 -17.02
N LYS B 55 -27.38 -31.38 -17.35
CA LYS B 55 -28.42 -30.51 -16.81
C LYS B 55 -28.74 -30.87 -15.36
N ASP B 56 -27.72 -31.23 -14.59
CA ASP B 56 -27.90 -31.60 -13.21
C ASP B 56 -26.59 -31.32 -12.47
N PHE B 57 -25.51 -31.23 -13.22
CA PHE B 57 -24.17 -30.99 -12.68
C PHE B 57 -23.58 -29.61 -13.05
N LEU B 58 -24.33 -28.82 -13.80
CA LEU B 58 -23.85 -27.50 -14.24
C LEU B 58 -24.94 -26.44 -14.32
N PRO B 59 -24.60 -25.20 -13.99
CA PRO B 59 -25.55 -24.09 -14.05
C PRO B 59 -26.03 -23.92 -15.50
N LYS B 60 -27.29 -23.59 -15.68
CA LYS B 60 -27.87 -23.41 -17.01
C LYS B 60 -26.94 -22.93 -18.13
N GLU B 61 -26.33 -21.76 -17.98
CA GLU B 61 -25.47 -21.22 -19.03
C GLU B 61 -24.20 -21.99 -19.45
N TYR B 62 -23.96 -23.16 -18.89
CA TYR B 62 -22.74 -23.89 -19.25
C TYR B 62 -22.99 -25.24 -19.85
N ILE B 63 -24.22 -25.68 -19.76
CA ILE B 63 -24.57 -26.97 -20.32
C ILE B 63 -24.09 -27.01 -21.74
N LYS B 64 -24.60 -26.15 -22.59
CA LYS B 64 -24.18 -26.24 -24.01
C LYS B 64 -22.67 -26.18 -24.28
N GLN B 65 -21.95 -25.35 -23.48
CA GLN B 65 -20.49 -25.10 -23.55
C GLN B 65 -19.81 -26.32 -22.95
N LYS B 66 -20.39 -27.46 -23.26
CA LYS B 66 -19.93 -28.66 -22.67
C LYS B 66 -18.53 -28.91 -22.06
N GLY B 67 -18.56 -28.79 -20.73
CA GLY B 67 -17.40 -28.98 -19.91
C GLY B 67 -17.23 -30.41 -19.43
N GLU B 68 -18.05 -31.30 -19.96
CA GLU B 68 -17.96 -32.70 -19.60
C GLU B 68 -16.57 -33.33 -19.60
N ARG B 69 -15.66 -32.76 -20.35
CA ARG B 69 -14.30 -33.29 -20.38
C ARG B 69 -13.56 -32.62 -19.23
N LYS B 70 -14.18 -31.57 -18.68
CA LYS B 70 -13.61 -30.85 -17.56
C LYS B 70 -14.11 -31.42 -16.22
N ILE B 71 -15.35 -31.89 -16.19
CA ILE B 71 -15.88 -32.46 -14.96
C ILE B 71 -15.05 -33.68 -14.67
N PHE B 72 -15.05 -34.62 -15.60
CA PHE B 72 -14.34 -35.87 -15.43
C PHE B 72 -12.90 -35.73 -15.00
N MET B 73 -12.25 -34.65 -15.42
CA MET B 73 -10.88 -34.45 -14.99
C MET B 73 -10.93 -34.16 -13.49
N ALA B 74 -11.64 -33.09 -13.13
CA ALA B 74 -11.77 -32.71 -11.74
C ALA B 74 -12.03 -34.01 -10.97
N HIS B 75 -13.10 -34.69 -11.36
CA HIS B 75 -13.50 -35.94 -10.74
C HIS B 75 -12.33 -36.88 -10.45
N LYS B 76 -11.60 -37.26 -11.50
CA LYS B 76 -10.46 -38.17 -11.34
C LYS B 76 -9.46 -37.64 -10.29
N ASN B 77 -9.17 -36.35 -10.36
CA ASN B 77 -8.24 -35.73 -9.44
C ASN B 77 -8.69 -35.89 -7.99
N CYS B 78 -9.92 -36.33 -7.79
CA CYS B 78 -10.44 -36.51 -6.45
C CYS B 78 -9.90 -37.79 -5.81
N GLY B 79 -9.26 -38.62 -6.62
CA GLY B 79 -8.73 -39.87 -6.11
C GLY B 79 -9.80 -40.73 -5.46
N ASN B 80 -9.45 -41.38 -4.36
CA ASN B 80 -10.40 -42.24 -3.65
C ASN B 80 -10.98 -41.54 -2.41
N MET B 81 -11.25 -40.26 -2.56
CA MET B 81 -11.85 -39.40 -1.52
C MET B 81 -13.22 -39.95 -1.12
N SER B 82 -13.62 -39.76 0.13
CA SER B 82 -14.94 -40.26 0.53
C SER B 82 -16.04 -39.25 0.27
N GLU B 83 -17.26 -39.75 0.15
CA GLU B 83 -18.43 -38.92 -0.08
C GLU B 83 -18.34 -37.73 0.87
N ILE B 84 -18.13 -38.03 2.15
CA ILE B 84 -18.06 -37.02 3.20
C ILE B 84 -17.02 -35.89 3.01
N GLU B 85 -15.78 -36.24 2.67
CA GLU B 85 -14.78 -35.20 2.48
C GLU B 85 -14.98 -34.45 1.17
N ALA B 86 -15.59 -35.11 0.19
CA ALA B 86 -15.88 -34.46 -1.08
C ALA B 86 -16.85 -33.33 -0.75
N LYS B 87 -17.80 -33.64 0.12
CA LYS B 87 -18.83 -32.70 0.54
C LYS B 87 -18.29 -31.47 1.27
N VAL B 88 -17.39 -31.69 2.21
CA VAL B 88 -16.82 -30.59 2.97
C VAL B 88 -16.10 -29.64 2.06
N ARG B 89 -15.16 -30.16 1.29
CA ARG B 89 -14.42 -29.30 0.39
C ARG B 89 -15.31 -28.63 -0.65
N TYR B 90 -16.44 -29.27 -0.96
CA TYR B 90 -17.38 -28.69 -1.92
C TYR B 90 -17.95 -27.45 -1.27
N VAL B 91 -18.38 -27.59 -0.02
CA VAL B 91 -18.94 -26.48 0.72
C VAL B 91 -17.88 -25.46 1.11
N LYS B 92 -16.63 -25.89 1.19
CA LYS B 92 -15.54 -25.00 1.55
C LYS B 92 -15.12 -24.18 0.34
N LEU B 93 -15.33 -24.75 -0.86
CA LEU B 93 -14.97 -24.07 -2.10
C LEU B 93 -16.02 -23.02 -2.34
N ALA B 94 -17.28 -23.43 -2.17
CA ALA B 94 -18.42 -22.55 -2.37
C ALA B 94 -18.31 -21.31 -1.50
N ARG B 95 -17.83 -21.48 -0.27
CA ARG B 95 -17.66 -20.35 0.62
C ARG B 95 -16.51 -19.47 0.20
N SER B 96 -15.47 -20.07 -0.37
CA SER B 96 -14.31 -19.28 -0.79
C SER B 96 -14.73 -18.10 -1.67
N LEU B 97 -15.46 -18.39 -2.73
CA LEU B 97 -15.93 -17.37 -3.67
C LEU B 97 -16.47 -16.11 -3.03
N LYS B 98 -16.06 -14.97 -3.59
CA LYS B 98 -16.48 -13.68 -3.07
C LYS B 98 -17.89 -13.33 -3.54
N THR B 99 -18.54 -14.30 -4.18
CA THR B 99 -19.89 -14.10 -4.67
C THR B 99 -20.82 -14.96 -3.86
N TYR B 100 -20.29 -15.58 -2.82
CA TYR B 100 -21.08 -16.45 -1.97
C TYR B 100 -22.00 -15.65 -1.07
N GLY B 101 -23.15 -16.24 -0.76
CA GLY B 101 -24.12 -15.59 0.09
C GLY B 101 -24.41 -14.17 -0.36
N VAL B 102 -24.63 -14.03 -1.66
CA VAL B 102 -24.92 -12.75 -2.30
C VAL B 102 -26.25 -12.86 -3.03
N SER B 103 -27.06 -11.82 -2.99
CA SER B 103 -28.34 -11.82 -3.70
C SER B 103 -28.14 -11.11 -5.05
N PHE B 104 -28.27 -11.87 -6.13
CA PHE B 104 -28.08 -11.30 -7.45
C PHE B 104 -29.30 -10.99 -8.31
N PHE B 105 -29.12 -9.95 -9.12
CA PHE B 105 -30.12 -9.50 -10.05
C PHE B 105 -29.36 -9.23 -11.35
N LEU B 106 -29.99 -9.58 -12.47
CA LEU B 106 -29.37 -9.36 -13.76
C LEU B 106 -29.82 -7.99 -14.21
N VAL B 107 -28.88 -7.10 -14.54
CA VAL B 107 -29.22 -5.76 -15.03
C VAL B 107 -28.42 -5.46 -16.27
N LYS B 108 -28.68 -4.30 -16.88
CA LYS B 108 -27.99 -3.92 -18.10
C LYS B 108 -27.37 -2.54 -18.02
N GLU B 109 -26.07 -2.46 -17.79
CA GLU B 109 -25.35 -1.19 -17.69
C GLU B 109 -24.99 -0.62 -19.06
N LYS B 110 -24.71 0.68 -19.12
CA LYS B 110 -24.32 1.31 -20.38
C LYS B 110 -22.90 1.81 -20.27
N MET B 111 -22.25 2.03 -21.39
CA MET B 111 -20.87 2.54 -21.39
C MET B 111 -20.63 3.42 -22.62
N LYS B 112 -19.61 4.27 -22.53
CA LYS B 112 -19.25 5.12 -23.65
C LYS B 112 -18.78 4.14 -24.72
N GLY B 113 -19.67 3.84 -25.66
CA GLY B 113 -19.32 2.90 -26.72
C GLY B 113 -20.10 1.60 -26.64
N LEU B 117 -25.49 -1.49 -23.62
CA LEU B 117 -26.21 -2.08 -22.51
C LEU B 117 -25.69 -3.47 -22.14
N VAL B 118 -24.39 -3.56 -21.91
CA VAL B 118 -23.74 -4.81 -21.53
C VAL B 118 -24.41 -5.39 -20.25
N PRO B 119 -24.87 -6.66 -20.30
CA PRO B 119 -25.53 -7.34 -19.17
C PRO B 119 -24.59 -7.50 -17.99
N ARG B 120 -25.04 -7.14 -16.79
CA ARG B 120 -24.19 -7.28 -15.63
C ARG B 120 -24.96 -7.88 -14.47
N LEU B 121 -24.19 -8.41 -13.52
CA LEU B 121 -24.76 -9.01 -12.33
C LEU B 121 -24.63 -8.03 -11.16
N LEU B 122 -25.74 -7.72 -10.53
CA LEU B 122 -25.71 -6.80 -9.40
C LEU B 122 -25.92 -7.58 -8.09
N GLY B 123 -24.94 -7.51 -7.20
CA GLY B 123 -25.04 -8.26 -5.94
C GLY B 123 -25.36 -7.39 -4.75
N ILE B 124 -26.16 -7.93 -3.84
CA ILE B 124 -26.55 -7.19 -2.66
C ILE B 124 -26.44 -7.99 -1.37
N THR B 125 -25.77 -7.43 -0.38
CA THR B 125 -25.65 -8.06 0.93
C THR B 125 -25.88 -7.01 2.01
N LYS B 126 -26.09 -7.47 3.23
CA LYS B 126 -26.36 -6.54 4.32
C LYS B 126 -25.24 -5.53 4.52
N GLU B 127 -24.06 -5.81 3.97
CA GLU B 127 -22.91 -4.90 4.13
C GLU B 127 -22.29 -4.30 2.88
N CYS B 128 -22.74 -4.69 1.68
CA CYS B 128 -22.15 -4.12 0.47
C CYS B 128 -22.97 -4.33 -0.80
N VAL B 129 -22.66 -3.55 -1.83
CA VAL B 129 -23.31 -3.68 -3.13
C VAL B 129 -22.18 -3.93 -4.12
N MET B 130 -22.37 -4.86 -5.04
CA MET B 130 -21.29 -5.19 -5.99
C MET B 130 -21.66 -5.35 -7.46
N ARG B 131 -20.71 -5.01 -8.33
CA ARG B 131 -20.89 -5.16 -9.77
C ARG B 131 -20.08 -6.37 -10.24
N VAL B 132 -20.78 -7.39 -10.74
CA VAL B 132 -20.15 -8.64 -11.16
C VAL B 132 -20.29 -8.94 -12.65
N ASP B 133 -19.21 -9.39 -13.28
CA ASP B 133 -19.22 -9.71 -14.71
C ASP B 133 -20.19 -10.84 -14.95
N GLU B 134 -21.14 -10.63 -15.86
CA GLU B 134 -22.14 -11.66 -16.14
C GLU B 134 -21.60 -12.94 -16.75
N LYS B 135 -20.38 -12.91 -17.28
CA LYS B 135 -19.81 -14.11 -17.88
C LYS B 135 -18.66 -14.65 -17.03
N THR B 136 -17.71 -13.80 -16.70
CA THR B 136 -16.57 -14.26 -15.91
C THR B 136 -16.87 -14.43 -14.42
N LYS B 137 -17.78 -13.64 -13.88
CA LYS B 137 -18.14 -13.71 -12.46
C LYS B 137 -17.06 -13.20 -11.54
N GLU B 138 -16.36 -12.16 -11.96
CA GLU B 138 -15.31 -11.55 -11.15
C GLU B 138 -15.92 -10.25 -10.63
N VAL B 139 -15.67 -9.92 -9.37
CA VAL B 139 -16.21 -8.71 -8.80
C VAL B 139 -15.49 -7.52 -9.44
N ILE B 140 -16.27 -6.62 -10.04
CA ILE B 140 -15.74 -5.47 -10.75
C ILE B 140 -15.77 -4.18 -9.94
N GLN B 141 -16.66 -4.09 -8.98
CA GLN B 141 -16.75 -2.89 -8.14
C GLN B 141 -17.49 -3.20 -6.86
N GLU B 142 -17.15 -2.49 -5.80
CA GLU B 142 -17.84 -2.70 -4.54
C GLU B 142 -18.15 -1.41 -3.77
N TRP B 143 -19.29 -1.42 -3.10
CA TRP B 143 -19.71 -0.27 -2.33
C TRP B 143 -20.18 -0.72 -0.97
N SER B 144 -20.00 0.14 0.02
CA SER B 144 -20.45 -0.15 1.36
C SER B 144 -21.90 0.31 1.41
N LEU B 145 -22.77 -0.47 2.03
CA LEU B 145 -24.16 -0.07 2.13
C LEU B 145 -24.18 1.26 2.85
N THR B 146 -23.54 1.31 4.01
CA THR B 146 -23.50 2.48 4.86
C THR B 146 -23.02 3.77 4.17
N ASN B 147 -22.77 3.68 2.87
CA ASN B 147 -22.34 4.83 2.09
C ASN B 147 -23.46 5.24 1.15
N ILE B 148 -24.48 4.40 1.11
CA ILE B 148 -25.64 4.64 0.28
C ILE B 148 -26.46 5.79 0.85
N LYS B 149 -26.76 6.79 0.01
CA LYS B 149 -27.56 7.95 0.41
C LYS B 149 -29.04 7.71 0.21
N ARG B 150 -29.38 7.38 -1.02
CA ARG B 150 -30.76 7.14 -1.42
C ARG B 150 -30.71 6.27 -2.68
N TRP B 151 -31.86 5.77 -3.10
CA TRP B 151 -31.96 4.93 -4.28
C TRP B 151 -33.31 5.19 -4.95
N ALA B 152 -33.53 4.58 -6.11
CA ALA B 152 -34.78 4.77 -6.84
C ALA B 152 -35.06 3.62 -7.78
N ALA B 153 -36.33 3.46 -8.12
CA ALA B 153 -36.78 2.41 -9.01
C ALA B 153 -37.84 2.95 -9.94
N SER B 154 -38.07 2.21 -11.03
CA SER B 154 -39.08 2.53 -12.04
C SER B 154 -39.26 1.18 -12.74
N PRO B 155 -40.42 0.96 -13.41
CA PRO B 155 -40.65 -0.32 -14.09
C PRO B 155 -39.55 -0.78 -15.02
N LYS B 156 -38.63 0.11 -15.38
CA LYS B 156 -37.54 -0.31 -16.26
C LYS B 156 -36.11 0.02 -15.85
N SER B 157 -35.92 0.64 -14.68
CA SER B 157 -34.58 1.01 -14.20
C SER B 157 -34.43 1.02 -12.68
N PHE B 158 -33.20 1.21 -12.22
CA PHE B 158 -32.89 1.25 -10.79
C PHE B 158 -31.67 2.15 -10.65
N THR B 159 -31.69 3.06 -9.69
CA THR B 159 -30.55 3.93 -9.52
C THR B 159 -30.16 4.14 -8.07
N LEU B 160 -28.85 4.14 -7.85
CA LEU B 160 -28.28 4.32 -6.52
C LEU B 160 -27.54 5.63 -6.45
N ASP B 161 -27.55 6.25 -5.28
CA ASP B 161 -26.84 7.52 -5.09
C ASP B 161 -25.94 7.35 -3.87
N PHE B 162 -24.65 7.32 -4.13
CA PHE B 162 -23.64 7.16 -3.09
C PHE B 162 -23.04 8.48 -2.64
N GLY B 163 -23.72 9.58 -2.94
CA GLY B 163 -23.18 10.86 -2.57
C GLY B 163 -21.78 11.11 -3.14
N ASP B 164 -21.35 10.31 -4.11
CA ASP B 164 -20.03 10.55 -4.70
C ASP B 164 -20.07 11.58 -5.84
N TYR B 165 -19.42 12.71 -5.60
CA TYR B 165 -19.34 13.81 -6.54
C TYR B 165 -18.75 13.41 -7.88
N GLN B 166 -17.64 12.70 -7.89
CA GLN B 166 -16.98 12.33 -9.15
C GLN B 166 -17.69 11.26 -10.01
N ASP B 167 -17.99 10.12 -9.41
CA ASP B 167 -18.67 9.02 -10.10
C ASP B 167 -20.10 9.33 -10.55
N GLY B 168 -20.84 10.01 -9.68
CA GLY B 168 -22.22 10.34 -9.97
C GLY B 168 -23.08 9.20 -9.45
N TYR B 169 -24.17 8.88 -10.15
CA TYR B 169 -25.02 7.78 -9.69
C TYR B 169 -24.75 6.51 -10.51
N TYR B 170 -25.15 5.37 -9.95
CA TYR B 170 -25.04 4.10 -10.61
C TYR B 170 -26.47 3.81 -11.06
N SER B 171 -26.68 3.77 -12.37
CA SER B 171 -28.01 3.57 -12.93
C SER B 171 -28.04 2.43 -13.92
N VAL B 172 -29.10 1.64 -13.87
CA VAL B 172 -29.22 0.51 -14.77
C VAL B 172 -30.62 0.13 -15.23
N GLN B 173 -30.63 -0.76 -16.21
CA GLN B 173 -31.82 -1.31 -16.82
C GLN B 173 -32.10 -2.60 -16.10
N THR B 174 -33.36 -2.81 -15.74
CA THR B 174 -33.76 -4.01 -15.03
C THR B 174 -35.28 -4.01 -14.83
N THR B 175 -35.83 -5.19 -14.64
CA THR B 175 -37.26 -5.31 -14.43
C THR B 175 -37.47 -5.57 -12.97
N GLU B 176 -36.38 -5.64 -12.22
CA GLU B 176 -36.46 -5.96 -10.80
C GLU B 176 -36.27 -4.80 -9.83
N GLY B 177 -36.11 -3.59 -10.36
CA GLY B 177 -35.94 -2.42 -9.50
C GLY B 177 -36.69 -2.52 -8.18
N GLU B 178 -37.99 -2.74 -8.28
CA GLU B 178 -38.81 -2.84 -7.09
C GLU B 178 -38.20 -3.78 -6.07
N GLN B 179 -37.81 -4.96 -6.53
CA GLN B 179 -37.25 -5.96 -5.63
C GLN B 179 -35.91 -5.54 -5.03
N ILE B 180 -35.05 -4.95 -5.85
CA ILE B 180 -33.74 -4.52 -5.39
C ILE B 180 -33.90 -3.47 -4.32
N ALA B 181 -34.82 -2.54 -4.58
CA ALA B 181 -35.07 -1.46 -3.66
C ALA B 181 -35.59 -1.94 -2.32
N GLN B 182 -36.38 -3.00 -2.34
CA GLN B 182 -36.98 -3.55 -1.13
C GLN B 182 -35.92 -4.25 -0.28
N LEU B 183 -34.99 -4.92 -0.93
CA LEU B 183 -33.95 -5.60 -0.20
C LEU B 183 -33.08 -4.55 0.48
N ILE B 184 -32.70 -3.53 -0.28
CA ILE B 184 -31.83 -2.48 0.22
C ILE B 184 -32.46 -1.69 1.35
N ALA B 185 -33.75 -1.41 1.22
CA ALA B 185 -34.47 -0.66 2.24
C ALA B 185 -34.43 -1.46 3.51
N GLY B 186 -34.64 -2.77 3.39
CA GLY B 186 -34.61 -3.62 4.55
C GLY B 186 -33.26 -3.64 5.24
N TYR B 187 -32.22 -3.99 4.50
CA TYR B 187 -30.87 -4.06 5.05
C TYR B 187 -30.36 -2.74 5.65
N ILE B 188 -30.81 -1.62 5.09
CA ILE B 188 -30.37 -0.34 5.56
C ILE B 188 -31.08 0.13 6.82
N ASP B 189 -32.23 -0.46 7.12
CA ASP B 189 -32.95 -0.08 8.32
C ASP B 189 -32.28 -0.82 9.51
N ILE B 190 -31.73 -2.00 9.24
CA ILE B 190 -31.02 -2.78 10.27
C ILE B 190 -30.00 -1.88 10.98
N SER C 2 -37.16 14.31 -11.11
CA SER C 2 -36.03 13.63 -10.49
C SER C 2 -36.17 12.11 -10.65
N HIS C 3 -36.24 11.42 -9.52
CA HIS C 3 -36.39 9.97 -9.46
C HIS C 3 -37.41 9.74 -8.35
N MET C 4 -37.78 8.50 -8.09
CA MET C 4 -38.73 8.21 -7.02
C MET C 4 -37.85 7.83 -5.85
N TRP C 5 -36.86 8.69 -5.59
CA TRP C 5 -35.90 8.46 -4.52
C TRP C 5 -36.55 8.09 -3.22
N ASP C 6 -35.96 7.12 -2.52
CA ASP C 6 -36.43 6.75 -1.19
C ASP C 6 -35.15 6.94 -0.37
N THR C 7 -35.21 7.80 0.64
CA THR C 7 -34.04 8.10 1.45
C THR C 7 -33.62 7.05 2.45
N ALA C 8 -32.32 6.86 2.55
CA ALA C 8 -31.76 5.90 3.49
C ALA C 8 -31.79 6.63 4.79
N ASN C 9 -31.77 7.95 4.71
CA ASN C 9 -31.74 8.75 5.91
C ASN C 9 -30.40 8.34 6.50
N ASN C 10 -29.34 8.95 5.98
CA ASN C 10 -27.98 8.65 6.40
C ASN C 10 -27.35 9.90 7.05
N PRO C 11 -26.60 9.73 8.15
CA PRO C 11 -25.98 10.88 8.79
C PRO C 11 -24.91 11.55 7.91
N LEU C 12 -24.28 10.79 7.04
CA LEU C 12 -23.26 11.33 6.16
C LEU C 12 -23.83 12.37 5.21
N TYR C 13 -25.14 12.36 5.01
CA TYR C 13 -25.77 13.27 4.08
C TYR C 13 -26.87 14.13 4.70
N LYS C 14 -27.56 13.57 5.69
CA LYS C 14 -28.63 14.29 6.39
C LYS C 14 -28.03 15.29 7.36
N GLU C 15 -28.76 16.36 7.63
CA GLU C 15 -28.31 17.39 8.55
C GLU C 15 -28.32 16.93 10.03
N ALA C 16 -27.82 15.72 10.26
CA ALA C 16 -27.73 15.18 11.61
C ALA C 16 -26.29 15.42 12.09
N PRO D 1 -26.04 16.61 12.68
CA PRO D 1 -24.71 16.98 13.18
C PRO D 1 -24.21 16.03 14.25
N VAL D 2 -25.03 15.84 15.26
CA VAL D 2 -24.71 14.98 16.37
C VAL D 2 -24.45 13.54 15.95
N GLN D 3 -25.14 13.06 14.91
CA GLN D 3 -24.92 11.70 14.48
C GLN D 3 -23.64 11.56 13.66
N LEU D 4 -23.41 12.54 12.79
CA LEU D 4 -22.22 12.51 11.96
C LEU D 4 -20.98 12.54 12.82
N ASN D 5 -21.05 13.33 13.88
CA ASN D 5 -19.93 13.47 14.79
C ASN D 5 -19.63 12.26 15.64
N LEU D 6 -20.63 11.44 15.93
CA LEU D 6 -20.36 10.26 16.74
C LEU D 6 -19.45 9.34 15.94
N LEU D 7 -19.81 9.13 14.68
CA LEU D 7 -19.03 8.28 13.81
C LEU D 7 -17.63 8.84 13.56
N TYR D 8 -17.55 10.15 13.32
CA TYR D 8 -16.24 10.74 13.10
C TYR D 8 -15.36 10.53 14.33
N VAL D 9 -15.89 10.88 15.50
CA VAL D 9 -15.13 10.73 16.74
C VAL D 9 -14.72 9.28 16.90
N GLN D 10 -15.67 8.38 16.65
CA GLN D 10 -15.37 6.96 16.76
C GLN D 10 -14.23 6.54 15.81
N ALA D 11 -14.36 6.84 14.53
CA ALA D 11 -13.32 6.48 13.56
C ALA D 11 -11.99 7.10 13.93
N ARG D 12 -12.02 8.39 14.26
CA ARG D 12 -10.81 9.11 14.64
C ARG D 12 -10.07 8.39 15.75
N ASP D 13 -10.66 8.41 16.94
CA ASP D 13 -10.02 7.77 18.09
C ASP D 13 -9.53 6.35 17.82
N ASP D 14 -10.32 5.53 17.14
CA ASP D 14 -9.88 4.19 16.88
C ASP D 14 -8.63 4.22 16.01
N ILE D 15 -8.28 5.38 15.51
CA ILE D 15 -7.08 5.49 14.68
C ILE D 15 -5.94 6.13 15.48
N LEU D 16 -6.29 7.12 16.27
CA LEU D 16 -5.31 7.80 17.08
C LEU D 16 -4.71 6.90 18.16
N ASN D 17 -5.52 6.01 18.74
CA ASN D 17 -4.98 5.11 19.76
C ASN D 17 -4.47 3.80 19.15
N GLY D 18 -4.39 3.78 17.81
CA GLY D 18 -3.90 2.61 17.11
C GLY D 18 -4.79 1.36 17.02
N SER D 19 -6.08 1.47 17.36
CA SER D 19 -6.97 0.31 17.27
C SER D 19 -7.22 -0.01 15.80
N HIS D 20 -7.12 1.01 14.96
CA HIS D 20 -7.31 0.79 13.55
C HIS D 20 -5.99 1.06 12.88
N PRO D 21 -5.27 -0.01 12.57
CA PRO D 21 -3.98 0.18 11.93
C PRO D 21 -4.12 0.78 10.53
N VAL D 22 -3.41 1.88 10.32
CA VAL D 22 -3.42 2.54 9.03
C VAL D 22 -1.97 2.86 8.68
N SER D 23 -1.69 2.94 7.39
CA SER D 23 -0.35 3.22 6.92
C SER D 23 -0.08 4.72 6.92
N PHE D 24 1.10 5.08 7.41
CA PHE D 24 1.55 6.47 7.49
C PHE D 24 0.75 7.45 6.62
N ASP D 25 1.10 7.47 5.35
CA ASP D 25 0.47 8.32 4.36
C ASP D 25 -1.02 8.59 4.61
N LYS D 26 -1.77 7.56 5.01
CA LYS D 26 -3.19 7.76 5.28
C LYS D 26 -3.36 8.50 6.61
N ALA D 27 -2.58 8.12 7.63
CA ALA D 27 -2.68 8.78 8.94
C ALA D 27 -2.61 10.28 8.75
N CYS D 28 -1.79 10.69 7.80
CA CYS D 28 -1.59 12.09 7.50
C CYS D 28 -2.73 12.63 6.66
N GLU D 29 -3.45 11.74 5.99
CA GLU D 29 -4.56 12.16 5.15
C GLU D 29 -5.66 12.46 6.14
N PHE D 30 -5.77 11.57 7.11
CA PHE D 30 -6.76 11.70 8.17
C PHE D 30 -6.43 12.97 8.90
N ALA D 31 -5.20 13.06 9.37
CA ALA D 31 -4.79 14.24 10.11
C ALA D 31 -5.15 15.47 9.30
N GLY D 32 -5.03 15.37 7.98
CA GLY D 32 -5.37 16.48 7.13
C GLY D 32 -6.79 16.91 7.38
N TYR D 33 -7.74 15.97 7.33
CA TYR D 33 -9.13 16.31 7.58
C TYR D 33 -9.29 16.73 9.03
N GLN D 34 -8.50 16.14 9.92
CA GLN D 34 -8.61 16.46 11.34
C GLN D 34 -8.27 17.92 11.57
N CYS D 35 -7.43 18.47 10.71
CA CYS D 35 -7.05 19.86 10.83
C CYS D 35 -8.17 20.72 10.23
N GLN D 36 -8.67 20.31 9.07
CA GLN D 36 -9.73 21.05 8.45
C GLN D 36 -10.88 21.14 9.44
N ILE D 37 -11.12 20.07 10.16
CA ILE D 37 -12.22 20.03 11.13
C ILE D 37 -11.98 20.94 12.33
N GLN D 38 -10.84 20.77 12.98
CA GLN D 38 -10.50 21.55 14.19
C GLN D 38 -10.03 22.99 13.98
N PHE D 39 -9.54 23.32 12.78
CA PHE D 39 -9.04 24.67 12.53
C PHE D 39 -9.81 25.48 11.50
N GLY D 40 -10.36 24.79 10.49
CA GLY D 40 -11.08 25.48 9.44
C GLY D 40 -10.16 25.46 8.23
N PRO D 41 -10.48 26.16 7.14
CA PRO D 41 -9.53 26.09 6.03
C PRO D 41 -8.11 26.37 6.49
N HIS D 42 -7.14 25.95 5.67
CA HIS D 42 -5.73 26.12 5.98
C HIS D 42 -5.34 27.57 5.95
N ASN D 43 -4.29 27.89 6.71
CA ASN D 43 -3.76 29.25 6.79
C ASN D 43 -2.23 29.12 6.78
N GLU D 44 -1.66 29.10 5.57
CA GLU D 44 -0.22 28.97 5.38
C GLU D 44 0.60 29.92 6.23
N GLN D 45 -0.08 30.71 7.06
CA GLN D 45 0.61 31.63 7.95
C GLN D 45 0.81 30.93 9.27
N LYS D 46 -0.31 30.62 9.93
CA LYS D 46 -0.29 29.95 11.24
C LYS D 46 0.12 28.47 11.15
N HIS D 47 -0.56 27.76 10.26
CA HIS D 47 -0.37 26.32 10.05
C HIS D 47 0.94 25.89 9.38
N LYS D 48 2.03 25.94 10.15
CA LYS D 48 3.37 25.55 9.73
C LYS D 48 3.94 24.64 10.81
N PRO D 49 4.87 23.73 10.46
CA PRO D 49 5.50 22.78 11.37
C PRO D 49 5.78 23.32 12.77
N GLY D 50 5.38 22.56 13.78
CA GLY D 50 5.57 22.98 15.16
C GLY D 50 4.28 23.55 15.71
N PHE D 51 3.38 23.98 14.81
CA PHE D 51 2.10 24.54 15.22
C PHE D 51 1.16 23.45 15.70
N LEU D 52 1.61 22.21 15.61
CA LEU D 52 0.77 21.10 16.02
C LEU D 52 1.38 20.14 17.02
N GLU D 53 0.52 19.59 17.86
CA GLU D 53 0.96 18.60 18.80
C GLU D 53 0.63 17.34 17.98
N LEU D 54 1.66 16.58 17.61
CA LEU D 54 1.45 15.39 16.80
C LEU D 54 1.03 14.15 17.59
N LYS D 55 0.92 14.30 18.90
CA LYS D 55 0.51 13.18 19.74
C LYS D 55 -1.00 13.12 19.77
N ASP D 56 -1.65 14.18 19.29
CA ASP D 56 -3.10 14.19 19.28
C ASP D 56 -3.61 14.37 17.86
N PHE D 57 -2.84 13.83 16.90
CA PHE D 57 -3.17 13.87 15.48
C PHE D 57 -2.70 12.63 14.75
N LEU D 58 -1.97 11.78 15.45
CA LEU D 58 -1.44 10.59 14.81
C LEU D 58 -1.25 9.39 15.71
N PRO D 59 -1.06 8.22 15.10
CA PRO D 59 -0.83 6.94 15.79
C PRO D 59 0.55 6.99 16.41
N LYS D 60 0.61 6.75 17.72
CA LYS D 60 1.87 6.77 18.43
C LYS D 60 3.04 6.35 17.54
N GLU D 61 2.81 5.37 16.67
CA GLU D 61 3.86 4.84 15.79
C GLU D 61 4.13 5.69 14.56
N TYR D 62 4.02 7.01 14.68
CA TYR D 62 4.27 7.91 13.55
C TYR D 62 4.63 9.30 14.05
N ILE D 63 4.22 9.60 15.28
CA ILE D 63 4.49 10.90 15.88
C ILE D 63 5.99 11.15 15.71
N LYS D 64 6.76 10.08 15.85
CA LYS D 64 8.20 10.15 15.69
C LYS D 64 8.52 10.62 14.26
N GLN D 65 8.19 9.79 13.28
CA GLN D 65 8.45 10.10 11.88
C GLN D 65 8.46 11.60 11.58
N LYS D 66 7.56 12.36 12.20
CA LYS D 66 7.50 13.79 11.95
C LYS D 66 7.08 14.03 10.50
N GLY D 67 5.80 13.82 10.22
CA GLY D 67 5.28 14.04 8.88
C GLY D 67 4.38 15.25 8.94
N GLU D 68 4.66 16.12 9.92
CA GLU D 68 3.89 17.35 10.11
C GLU D 68 3.75 18.12 8.81
N ARG D 69 4.67 17.91 7.89
CA ARG D 69 4.62 18.59 6.60
C ARG D 69 3.63 17.87 5.70
N LYS D 70 3.40 16.59 5.96
CA LYS D 70 2.45 15.83 5.17
C LYS D 70 1.02 16.21 5.56
N ILE D 71 0.80 16.43 6.85
CA ILE D 71 -0.53 16.77 7.35
C ILE D 71 -1.01 18.13 6.87
N PHE D 72 -0.13 19.12 6.91
CA PHE D 72 -0.52 20.44 6.46
C PHE D 72 -0.71 20.42 4.95
N MET D 73 0.05 19.58 4.26
CA MET D 73 -0.08 19.52 2.81
C MET D 73 -1.45 18.96 2.48
N ALA D 74 -1.89 17.96 3.25
CA ALA D 74 -3.21 17.36 3.06
C ALA D 74 -4.26 18.32 3.58
N HIS D 75 -3.87 19.09 4.61
CA HIS D 75 -4.77 20.07 5.19
C HIS D 75 -5.11 21.06 4.12
N LYS D 76 -4.05 21.55 3.48
CA LYS D 76 -4.16 22.52 2.41
C LYS D 76 -5.09 21.99 1.32
N ASN D 77 -5.04 20.68 1.07
CA ASN D 77 -5.86 20.02 0.05
C ASN D 77 -7.37 20.02 0.33
N CYS D 78 -7.79 20.70 1.39
CA CYS D 78 -9.19 20.73 1.72
C CYS D 78 -9.81 22.08 1.42
N GLY D 79 -9.03 22.94 0.78
CA GLY D 79 -9.51 24.27 0.43
C GLY D 79 -10.37 24.85 1.54
N ASN D 80 -11.62 25.20 1.21
CA ASN D 80 -12.54 25.76 2.17
C ASN D 80 -13.63 24.75 2.55
N MET D 81 -13.29 23.47 2.45
CA MET D 81 -14.21 22.39 2.75
C MET D 81 -14.77 22.51 4.17
N SER D 82 -16.08 22.32 4.30
CA SER D 82 -16.75 22.43 5.60
C SER D 82 -16.28 21.43 6.65
N GLU D 83 -16.52 21.81 7.91
CA GLU D 83 -16.19 21.04 9.09
C GLU D 83 -16.98 19.73 9.05
N ILE D 84 -18.16 19.81 8.43
CA ILE D 84 -19.04 18.66 8.29
C ILE D 84 -18.66 17.79 7.08
N GLU D 85 -18.39 18.43 5.95
CA GLU D 85 -18.03 17.69 4.73
C GLU D 85 -16.68 17.01 4.85
N ALA D 86 -15.92 17.41 5.85
CA ALA D 86 -14.61 16.82 6.13
C ALA D 86 -14.83 15.61 7.03
N LYS D 87 -15.71 15.76 8.01
CA LYS D 87 -16.02 14.68 8.94
C LYS D 87 -16.49 13.51 8.12
N VAL D 88 -17.31 13.80 7.12
CA VAL D 88 -17.85 12.78 6.20
C VAL D 88 -16.74 12.03 5.50
N ARG D 89 -15.92 12.77 4.77
CA ARG D 89 -14.82 12.19 4.02
C ARG D 89 -13.95 11.30 4.89
N TYR D 90 -13.61 11.79 6.07
CA TYR D 90 -12.76 11.08 7.02
C TYR D 90 -13.36 9.72 7.39
N VAL D 91 -14.68 9.69 7.52
CA VAL D 91 -15.43 8.49 7.88
C VAL D 91 -15.57 7.56 6.68
N LYS D 92 -15.45 8.10 5.48
CA LYS D 92 -15.54 7.27 4.29
C LYS D 92 -14.15 6.70 3.98
N LEU D 93 -13.11 7.43 4.38
CA LEU D 93 -11.73 6.98 4.18
C LEU D 93 -11.45 5.92 5.24
N ALA D 94 -12.07 6.08 6.40
CA ALA D 94 -11.89 5.12 7.49
C ALA D 94 -12.54 3.77 7.18
N ARG D 95 -13.63 3.79 6.42
CA ARG D 95 -14.36 2.58 6.06
C ARG D 95 -13.84 1.87 4.81
N SER D 96 -13.25 2.65 3.90
CA SER D 96 -12.72 2.13 2.65
C SER D 96 -11.50 1.23 2.82
N LEU D 97 -10.89 1.26 4.01
CA LEU D 97 -9.71 0.46 4.30
C LEU D 97 -10.12 -0.87 4.90
N LYS D 98 -9.63 -1.97 4.33
CA LYS D 98 -9.94 -3.33 4.83
C LYS D 98 -9.78 -3.49 6.34
N THR D 99 -8.72 -2.92 6.92
CA THR D 99 -8.45 -3.01 8.35
C THR D 99 -9.60 -2.46 9.17
N TYR D 100 -10.56 -1.85 8.48
CA TYR D 100 -11.73 -1.26 9.13
C TYR D 100 -12.67 -2.25 9.82
N GLY D 101 -12.87 -2.05 11.11
CA GLY D 101 -13.76 -2.91 11.86
C GLY D 101 -13.21 -4.25 12.30
N VAL D 102 -11.89 -4.37 12.32
CA VAL D 102 -11.25 -5.61 12.72
C VAL D 102 -10.54 -5.42 14.07
N SER D 103 -10.35 -6.53 14.79
CA SER D 103 -9.71 -6.48 16.09
C SER D 103 -8.37 -7.18 16.04
N PHE D 104 -7.33 -6.37 15.80
CA PHE D 104 -5.99 -6.88 15.66
C PHE D 104 -5.25 -7.17 16.96
N PHE D 105 -4.13 -7.86 16.79
CA PHE D 105 -3.22 -8.24 17.88
C PHE D 105 -1.86 -8.32 17.23
N LEU D 106 -0.81 -7.93 17.94
CA LEU D 106 0.52 -7.99 17.38
C LEU D 106 1.06 -9.40 17.64
N VAL D 107 1.36 -10.12 16.57
CA VAL D 107 1.87 -11.48 16.69
C VAL D 107 3.21 -11.63 15.98
N LYS D 108 4.00 -12.61 16.40
CA LYS D 108 5.30 -12.81 15.79
C LYS D 108 5.35 -14.15 15.09
N GLU D 109 5.30 -14.12 13.76
CA GLU D 109 5.33 -15.34 12.96
C GLU D 109 6.73 -15.79 12.58
N LYS D 110 6.95 -17.09 12.69
CA LYS D 110 8.23 -17.67 12.32
C LYS D 110 8.18 -18.00 10.84
N MET D 111 8.98 -17.30 10.05
CA MET D 111 9.02 -17.55 8.60
C MET D 111 10.21 -18.45 8.35
N LYS D 112 10.00 -19.47 7.53
CA LYS D 112 11.05 -20.45 7.22
C LYS D 112 12.35 -19.80 6.80
N GLY D 113 13.45 -20.50 7.04
CA GLY D 113 14.76 -20.02 6.67
C GLY D 113 15.32 -18.81 7.41
N LYS D 114 14.59 -18.31 8.41
CA LYS D 114 15.05 -17.15 9.16
C LYS D 114 14.57 -17.23 10.59
N ASN D 115 15.48 -17.56 11.49
CA ASN D 115 15.15 -17.68 12.90
C ASN D 115 14.51 -16.42 13.46
N LYS D 116 14.75 -15.28 12.79
CA LYS D 116 14.21 -14.02 13.26
C LYS D 116 12.76 -13.81 12.90
N LEU D 117 11.91 -13.96 13.90
CA LEU D 117 10.46 -13.78 13.79
C LEU D 117 10.15 -12.43 13.14
N VAL D 118 9.08 -12.38 12.35
CA VAL D 118 8.70 -11.13 11.69
C VAL D 118 7.36 -10.61 12.21
N PRO D 119 7.40 -9.57 13.07
CA PRO D 119 6.17 -8.99 13.63
C PRO D 119 5.06 -8.90 12.58
N ARG D 120 3.84 -9.24 13.01
CA ARG D 120 2.67 -9.22 12.13
C ARG D 120 1.40 -8.83 12.87
N LEU D 121 0.43 -8.34 12.11
CA LEU D 121 -0.86 -7.93 12.69
C LEU D 121 -1.89 -9.02 12.40
N LEU D 122 -2.53 -9.52 13.46
CA LEU D 122 -3.54 -10.56 13.32
C LEU D 122 -4.93 -9.95 13.44
N GLY D 123 -5.76 -10.15 12.42
CA GLY D 123 -7.10 -9.58 12.45
C GLY D 123 -8.21 -10.59 12.57
N ILE D 124 -9.22 -10.26 13.37
CA ILE D 124 -10.35 -11.15 13.59
C ILE D 124 -11.69 -10.40 13.61
N THR D 125 -12.68 -10.95 12.92
CA THR D 125 -14.02 -10.39 12.86
C THR D 125 -14.98 -11.55 13.04
N LYS D 126 -16.26 -11.27 13.08
CA LYS D 126 -17.23 -12.33 13.26
C LYS D 126 -17.31 -13.22 12.04
N GLU D 127 -16.54 -12.89 11.01
CA GLU D 127 -16.60 -13.69 9.79
C GLU D 127 -15.30 -14.18 9.20
N CYS D 128 -14.18 -13.59 9.60
CA CYS D 128 -12.92 -14.01 9.03
C CYS D 128 -11.71 -13.74 9.90
N VAL D 129 -10.58 -14.32 9.50
CA VAL D 129 -9.32 -14.13 10.18
C VAL D 129 -8.32 -13.77 9.09
N MET D 130 -7.73 -12.59 9.20
CA MET D 130 -6.77 -12.12 8.21
C MET D 130 -5.36 -11.89 8.76
N ARG D 131 -4.38 -11.94 7.87
CA ARG D 131 -2.98 -11.74 8.21
C ARG D 131 -2.64 -10.38 7.65
N VAL D 132 -2.21 -9.47 8.53
CA VAL D 132 -1.90 -8.11 8.12
C VAL D 132 -0.47 -7.64 8.43
N ASP D 133 0.17 -7.09 7.40
CA ASP D 133 1.53 -6.59 7.41
C ASP D 133 1.80 -5.48 8.45
N GLU D 134 2.62 -5.81 9.45
CA GLU D 134 2.98 -4.89 10.54
C GLU D 134 3.08 -3.41 10.14
N LYS D 135 3.95 -3.11 9.18
CA LYS D 135 4.17 -1.73 8.73
C LYS D 135 3.27 -1.25 7.58
N THR D 136 3.29 -1.96 6.45
CA THR D 136 2.48 -1.56 5.31
C THR D 136 0.97 -1.66 5.57
N LYS D 137 0.55 -2.62 6.40
CA LYS D 137 -0.86 -2.81 6.75
C LYS D 137 -1.67 -3.56 5.69
N GLU D 138 -1.07 -3.86 4.55
CA GLU D 138 -1.78 -4.56 3.48
C GLU D 138 -1.99 -6.02 3.88
N VAL D 139 -3.24 -6.44 3.95
CA VAL D 139 -3.54 -7.83 4.30
C VAL D 139 -2.70 -8.74 3.42
N ILE D 140 -2.36 -9.91 3.93
CA ILE D 140 -1.55 -10.87 3.17
C ILE D 140 -2.31 -12.18 2.98
N GLN D 141 -3.15 -12.53 3.96
CA GLN D 141 -3.95 -13.76 3.88
C GLN D 141 -5.33 -13.51 4.45
N GLU D 142 -6.22 -14.47 4.22
CA GLU D 142 -7.58 -14.37 4.70
C GLU D 142 -8.26 -15.73 4.84
N TRP D 143 -8.95 -15.94 5.97
CA TRP D 143 -9.66 -17.19 6.21
C TRP D 143 -11.09 -16.92 6.71
N SER D 144 -12.00 -17.84 6.41
CA SER D 144 -13.38 -17.73 6.85
C SER D 144 -13.50 -18.29 8.27
N LEU D 145 -14.19 -17.57 9.15
CA LEU D 145 -14.34 -18.03 10.52
C LEU D 145 -15.07 -19.39 10.54
N THR D 146 -15.84 -19.67 9.50
CA THR D 146 -16.59 -20.92 9.40
C THR D 146 -15.73 -22.12 9.01
N ASN D 147 -14.46 -21.87 8.68
CA ASN D 147 -13.56 -22.94 8.30
C ASN D 147 -12.58 -23.24 9.42
N ILE D 148 -12.89 -22.71 10.60
CA ILE D 148 -12.05 -22.94 11.77
C ILE D 148 -12.52 -24.19 12.49
N LYS D 149 -11.64 -25.20 12.54
CA LYS D 149 -11.93 -26.48 13.17
C LYS D 149 -11.70 -26.44 14.67
N ARG D 150 -10.60 -25.82 15.08
CA ARG D 150 -10.24 -25.72 16.47
C ARG D 150 -9.07 -24.76 16.64
N TRP D 151 -8.88 -24.28 17.86
CA TRP D 151 -7.80 -23.35 18.17
C TRP D 151 -7.17 -23.75 19.48
N ALA D 152 -6.02 -23.14 19.80
CA ALA D 152 -5.33 -23.46 21.04
C ALA D 152 -4.52 -22.27 21.48
N ALA D 153 -4.21 -22.22 22.77
CA ALA D 153 -3.44 -21.12 23.29
C ALA D 153 -2.57 -21.51 24.49
N SER D 154 -1.52 -20.74 24.72
CA SER D 154 -0.62 -20.95 25.84
C SER D 154 -0.15 -19.55 26.20
N PRO D 155 0.40 -19.38 27.41
CA PRO D 155 0.89 -18.07 27.84
C PRO D 155 1.94 -17.43 26.93
N LYS D 156 2.30 -18.12 25.85
CA LYS D 156 3.28 -17.59 24.92
C LYS D 156 3.13 -18.15 23.51
N SER D 157 1.88 -18.35 23.06
CA SER D 157 1.60 -18.87 21.71
C SER D 157 0.11 -19.03 21.41
N PHE D 158 -0.21 -19.02 20.13
CA PHE D 158 -1.59 -19.15 19.65
C PHE D 158 -1.57 -19.94 18.35
N THR D 159 -2.48 -20.88 18.20
CA THR D 159 -2.50 -21.69 16.99
C THR D 159 -3.92 -21.90 16.45
N LEU D 160 -4.09 -21.78 15.14
CA LEU D 160 -5.40 -21.98 14.54
C LEU D 160 -5.36 -23.12 13.53
N ASP D 161 -6.21 -24.12 13.72
CA ASP D 161 -6.27 -25.26 12.82
C ASP D 161 -7.56 -25.26 12.02
N PHE D 162 -7.43 -25.05 10.71
CA PHE D 162 -8.58 -25.02 9.85
C PHE D 162 -8.98 -26.39 9.37
N GLY D 163 -8.00 -27.27 9.30
CA GLY D 163 -8.25 -28.60 8.79
C GLY D 163 -7.93 -28.49 7.31
N ASP D 164 -6.89 -27.73 7.00
CA ASP D 164 -6.46 -27.54 5.63
C ASP D 164 -5.13 -28.33 5.47
N TYR D 165 -5.18 -29.50 4.85
CA TYR D 165 -3.98 -30.33 4.75
C TYR D 165 -2.70 -29.62 4.46
N GLN D 166 -2.43 -29.39 3.19
CA GLN D 166 -1.22 -28.69 2.77
C GLN D 166 -0.69 -27.53 3.63
N ASP D 167 -1.53 -26.54 3.95
CA ASP D 167 -1.06 -25.43 4.78
C ASP D 167 -0.70 -25.80 6.22
N GLY D 168 -1.51 -26.66 6.82
CA GLY D 168 -1.28 -27.09 8.19
C GLY D 168 -1.89 -26.18 9.25
N TYR D 169 -1.07 -25.77 10.21
CA TYR D 169 -1.50 -24.88 11.29
C TYR D 169 -0.90 -23.49 11.07
N TYR D 170 -1.41 -22.53 11.81
CA TYR D 170 -0.92 -21.16 11.77
C TYR D 170 -0.61 -20.85 13.22
N SER D 171 0.63 -21.06 13.64
CA SER D 171 1.05 -20.77 15.02
C SER D 171 1.81 -19.46 15.06
N VAL D 172 1.67 -18.77 16.18
CA VAL D 172 2.34 -17.49 16.34
C VAL D 172 2.77 -17.22 17.77
N GLN D 173 3.62 -16.20 17.90
CA GLN D 173 4.15 -15.77 19.17
C GLN D 173 3.27 -14.68 19.75
N THR D 174 2.59 -15.01 20.83
CA THR D 174 1.73 -14.03 21.45
C THR D 174 1.47 -14.21 22.93
N THR D 175 1.28 -13.08 23.58
CA THR D 175 1.01 -13.03 25.00
C THR D 175 -0.47 -12.89 25.18
N GLU D 176 -1.15 -12.64 24.07
CA GLU D 176 -2.61 -12.44 24.06
C GLU D 176 -3.39 -13.71 23.70
N GLY D 177 -2.67 -14.82 23.63
CA GLY D 177 -3.27 -16.10 23.29
C GLY D 177 -4.61 -16.42 23.93
N GLU D 178 -4.81 -16.00 25.17
CA GLU D 178 -6.07 -16.29 25.84
C GLU D 178 -7.19 -15.30 25.51
N GLN D 179 -6.85 -14.13 24.97
CA GLN D 179 -7.84 -13.14 24.60
C GLN D 179 -8.31 -13.41 23.18
N ILE D 180 -7.34 -13.74 22.32
CA ILE D 180 -7.63 -14.05 20.92
C ILE D 180 -8.41 -15.35 20.87
N ALA D 181 -8.23 -16.18 21.90
CA ALA D 181 -8.94 -17.45 21.99
C ALA D 181 -10.36 -17.15 22.43
N GLN D 182 -10.52 -16.18 23.32
CA GLN D 182 -11.83 -15.81 23.82
C GLN D 182 -12.68 -15.20 22.70
N LEU D 183 -12.12 -14.22 22.01
CA LEU D 183 -12.84 -13.58 20.93
C LEU D 183 -13.44 -14.64 20.01
N ILE D 184 -12.60 -15.21 19.16
CA ILE D 184 -12.99 -16.25 18.20
C ILE D 184 -14.11 -17.13 18.75
N ALA D 185 -13.88 -17.69 19.94
CA ALA D 185 -14.85 -18.56 20.60
C ALA D 185 -16.22 -17.89 20.63
N GLY D 186 -16.26 -16.67 21.15
CA GLY D 186 -17.53 -15.96 21.22
C GLY D 186 -18.17 -15.89 19.84
N TYR D 187 -17.36 -15.50 18.86
CA TYR D 187 -17.83 -15.36 17.48
C TYR D 187 -18.33 -16.67 16.91
N ILE D 188 -17.47 -17.68 16.97
CA ILE D 188 -17.82 -18.98 16.45
C ILE D 188 -19.18 -19.48 16.94
N ASP D 189 -19.39 -19.49 18.25
CA ASP D 189 -20.66 -19.98 18.76
C ASP D 189 -21.88 -19.12 18.46
N ILE D 190 -21.67 -18.00 17.77
CA ILE D 190 -22.77 -17.13 17.36
C ILE D 190 -23.11 -17.58 15.93
N ILE D 191 -22.07 -18.04 15.23
CA ILE D 191 -22.19 -18.49 13.86
C ILE D 191 -22.29 -20.00 13.75
N LEU D 192 -23.18 -20.60 14.53
CA LEU D 192 -23.40 -22.04 14.52
C LEU D 192 -22.08 -22.80 14.56
N HIS E 3 11.87 -20.00 -15.39
CA HIS E 3 11.97 -18.72 -16.08
C HIS E 3 13.32 -18.64 -16.77
N MET E 4 13.40 -17.87 -17.86
CA MET E 4 14.68 -17.73 -18.57
C MET E 4 15.42 -16.52 -18.06
N TRP E 5 16.22 -16.73 -17.02
CA TRP E 5 16.97 -15.68 -16.39
C TRP E 5 18.06 -15.03 -17.23
N ASP E 6 18.30 -13.76 -16.92
CA ASP E 6 19.34 -12.98 -17.56
C ASP E 6 20.12 -12.53 -16.34
N THR E 7 21.41 -12.88 -16.31
CA THR E 7 22.28 -12.57 -15.18
C THR E 7 22.67 -11.10 -14.96
N ALA E 8 22.69 -10.70 -13.68
CA ALA E 8 23.05 -9.34 -13.31
C ALA E 8 24.57 -9.20 -13.19
N ASN E 9 25.21 -10.24 -12.67
CA ASN E 9 26.67 -10.26 -12.47
C ASN E 9 27.06 -9.31 -11.37
N ASN E 10 26.39 -9.50 -10.23
CA ASN E 10 26.58 -8.70 -9.03
C ASN E 10 27.36 -9.52 -8.00
N PRO E 11 28.42 -8.92 -7.41
CA PRO E 11 29.26 -9.58 -6.40
C PRO E 11 28.44 -10.16 -5.24
N LEU E 12 27.38 -9.45 -4.87
CA LEU E 12 26.51 -9.89 -3.80
C LEU E 12 25.89 -11.24 -4.14
N TYR E 13 25.98 -11.63 -5.41
CA TYR E 13 25.41 -12.89 -5.87
C TYR E 13 26.35 -13.82 -6.61
N LYS E 14 27.37 -13.29 -7.25
CA LYS E 14 28.32 -14.13 -7.91
C LYS E 14 29.72 -14.11 -7.30
N GLU E 15 30.38 -15.26 -7.49
CA GLU E 15 31.72 -15.66 -7.06
C GLU E 15 33.03 -14.88 -7.06
N ALA E 16 33.18 -13.76 -6.35
CA ALA E 16 34.45 -13.13 -6.47
C ALA E 16 34.61 -12.65 -5.09
N PRO F 1 35.04 -13.57 -4.24
CA PRO F 1 35.25 -13.26 -2.82
C PRO F 1 35.92 -11.92 -2.68
N VAL F 2 36.94 -11.71 -3.49
CA VAL F 2 37.69 -10.50 -3.50
C VAL F 2 36.77 -9.30 -3.47
N GLN F 3 35.91 -9.25 -4.48
CA GLN F 3 34.93 -8.16 -4.68
C GLN F 3 33.95 -7.95 -3.55
N LEU F 4 33.27 -9.02 -3.14
CA LEU F 4 32.30 -8.97 -2.05
C LEU F 4 32.93 -8.42 -0.78
N ASN F 5 34.10 -8.94 -0.43
CA ASN F 5 34.83 -8.54 0.76
C ASN F 5 35.34 -7.08 0.70
N LEU F 6 35.40 -6.53 -0.51
CA LEU F 6 35.84 -5.16 -0.70
C LEU F 6 34.66 -4.28 -0.28
N LEU F 7 33.48 -4.65 -0.75
CA LEU F 7 32.24 -3.94 -0.46
C LEU F 7 31.91 -4.01 1.02
N TYR F 8 32.17 -5.17 1.63
CA TYR F 8 31.90 -5.37 3.04
C TYR F 8 32.83 -4.51 3.87
N VAL F 9 34.14 -4.71 3.74
CA VAL F 9 35.07 -3.92 4.52
C VAL F 9 34.88 -2.40 4.34
N GLN F 10 34.30 -2.00 3.22
CA GLN F 10 34.02 -0.59 2.93
C GLN F 10 32.80 -0.16 3.75
N ALA F 11 31.69 -0.86 3.55
CA ALA F 11 30.45 -0.58 4.27
C ALA F 11 30.69 -0.61 5.78
N ARG F 12 31.26 -1.71 6.27
CA ARG F 12 31.56 -1.88 7.68
C ARG F 12 32.30 -0.66 8.25
N ASP F 13 33.37 -0.28 7.56
CA ASP F 13 34.18 0.83 7.96
C ASP F 13 33.41 2.16 8.00
N ASP F 14 32.79 2.53 6.87
CA ASP F 14 32.04 3.78 6.85
C ASP F 14 31.13 3.87 8.07
N ILE F 15 30.64 2.72 8.53
CA ILE F 15 29.76 2.66 9.70
C ILE F 15 30.55 2.80 10.99
N LEU F 16 31.56 1.97 11.17
CA LEU F 16 32.32 2.02 12.39
C LEU F 16 32.98 3.38 12.64
N ASN F 17 33.46 4.01 11.58
CA ASN F 17 34.14 5.30 11.71
C ASN F 17 33.18 6.49 11.74
N GLY F 18 31.89 6.19 11.87
CA GLY F 18 30.87 7.25 11.93
C GLY F 18 30.60 7.99 10.63
N SER F 19 31.05 7.45 9.50
CA SER F 19 30.83 8.08 8.20
C SER F 19 29.39 7.86 7.76
N HIS F 20 28.83 6.71 8.13
CA HIS F 20 27.45 6.40 7.78
C HIS F 20 26.70 6.22 9.10
N PRO F 21 25.99 7.28 9.56
CA PRO F 21 25.21 7.28 10.80
C PRO F 21 24.09 6.26 10.79
N VAL F 22 24.03 5.44 11.84
CA VAL F 22 22.96 4.44 11.92
C VAL F 22 22.35 4.38 13.31
N SER F 23 21.11 3.91 13.38
CA SER F 23 20.42 3.78 14.65
C SER F 23 21.13 2.75 15.54
N PHE F 24 21.00 2.92 16.85
CA PHE F 24 21.63 2.02 17.80
C PHE F 24 21.31 0.59 17.47
N ASP F 25 20.05 0.34 17.16
CA ASP F 25 19.57 -0.99 16.83
C ASP F 25 20.33 -1.53 15.62
N LYS F 26 20.30 -0.77 14.54
CA LYS F 26 20.99 -1.17 13.33
C LYS F 26 22.43 -1.58 13.65
N ALA F 27 23.16 -0.67 14.29
CA ALA F 27 24.54 -0.94 14.64
C ALA F 27 24.71 -2.31 15.31
N CYS F 28 23.67 -2.77 16.00
CA CYS F 28 23.73 -4.06 16.68
C CYS F 28 23.45 -5.19 15.71
N GLU F 29 22.67 -4.89 14.67
CA GLU F 29 22.36 -5.88 13.64
C GLU F 29 23.64 -6.08 12.83
N PHE F 30 24.34 -4.98 12.54
CA PHE F 30 25.59 -5.05 11.79
C PHE F 30 26.66 -5.87 12.53
N ALA F 31 26.86 -5.57 13.81
CA ALA F 31 27.86 -6.27 14.61
C ALA F 31 27.46 -7.72 14.70
N GLY F 32 26.15 -7.97 14.59
CA GLY F 32 25.68 -9.33 14.62
C GLY F 32 26.22 -10.10 13.43
N TYR F 33 26.14 -9.51 12.24
CA TYR F 33 26.68 -10.17 11.06
C TYR F 33 28.20 -10.14 11.19
N GLN F 34 28.71 -9.04 11.74
CA GLN F 34 30.15 -8.89 11.91
C GLN F 34 30.66 -10.09 12.68
N CYS F 35 30.04 -10.35 13.83
CA CYS F 35 30.41 -11.50 14.66
C CYS F 35 30.37 -12.79 13.85
N GLN F 36 29.29 -12.99 13.12
CA GLN F 36 29.09 -14.18 12.30
C GLN F 36 30.19 -14.34 11.25
N ILE F 37 30.72 -13.20 10.82
CA ILE F 37 31.77 -13.16 9.81
C ILE F 37 33.15 -13.49 10.36
N GLN F 38 33.46 -12.94 11.54
CA GLN F 38 34.76 -13.14 12.16
C GLN F 38 34.84 -14.30 13.14
N PHE F 39 33.74 -14.64 13.81
CA PHE F 39 33.73 -15.73 14.79
C PHE F 39 32.99 -17.00 14.39
N GLY F 40 32.16 -16.90 13.37
CA GLY F 40 31.43 -18.08 12.94
C GLY F 40 30.11 -18.13 13.66
N PRO F 41 29.30 -19.17 13.41
CA PRO F 41 27.99 -19.36 14.04
C PRO F 41 28.08 -19.18 15.54
N HIS F 42 27.10 -18.50 16.10
CA HIS F 42 27.08 -18.22 17.52
C HIS F 42 27.32 -19.45 18.40
N ASN F 43 28.21 -19.26 19.36
CA ASN F 43 28.60 -20.28 20.34
C ASN F 43 28.32 -19.76 21.77
N GLU F 44 27.06 -19.87 22.19
CA GLU F 44 26.61 -19.38 23.51
C GLU F 44 27.70 -19.32 24.59
N GLN F 45 28.44 -20.42 24.79
CA GLN F 45 29.49 -20.49 25.81
C GLN F 45 30.56 -19.38 25.79
N LYS F 46 31.17 -19.17 24.63
CA LYS F 46 32.24 -18.19 24.46
C LYS F 46 31.80 -16.85 23.83
N HIS F 47 30.50 -16.69 23.55
CA HIS F 47 30.02 -15.46 22.93
C HIS F 47 29.01 -14.73 23.79
N LYS F 48 29.46 -14.29 24.95
CA LYS F 48 28.64 -13.57 25.91
C LYS F 48 29.29 -12.22 26.20
N PRO F 49 28.60 -11.36 26.97
CA PRO F 49 29.14 -10.03 27.31
C PRO F 49 30.55 -10.13 27.90
N GLY F 50 31.42 -9.21 27.52
CA GLY F 50 32.78 -9.24 28.02
C GLY F 50 33.71 -9.78 26.94
N PHE F 51 33.17 -10.68 26.13
CA PHE F 51 33.91 -11.30 25.05
C PHE F 51 34.33 -10.30 23.97
N LEU F 52 33.45 -9.35 23.71
CA LEU F 52 33.69 -8.37 22.67
C LEU F 52 34.40 -7.07 23.01
N GLU F 53 35.16 -6.61 22.03
CA GLU F 53 35.92 -5.38 22.12
C GLU F 53 35.07 -4.31 21.44
N LEU F 54 33.97 -3.94 22.08
CA LEU F 54 33.04 -2.95 21.55
C LEU F 54 33.60 -1.91 20.57
N LYS F 55 34.74 -1.33 20.91
CA LYS F 55 35.35 -0.32 20.05
C LYS F 55 35.51 -0.74 18.58
N ASP F 56 35.52 -2.04 18.30
CA ASP F 56 35.68 -2.50 16.92
C ASP F 56 34.40 -3.08 16.33
N PHE F 57 33.30 -2.96 17.06
CA PHE F 57 32.03 -3.52 16.62
C PHE F 57 30.82 -2.56 16.62
N LEU F 58 31.04 -1.30 16.92
CA LEU F 58 29.94 -0.33 16.98
C LEU F 58 30.47 1.09 16.79
N PRO F 59 29.62 1.98 16.32
CA PRO F 59 30.08 3.36 16.15
C PRO F 59 30.31 3.99 17.53
N LYS F 60 31.30 4.88 17.61
CA LYS F 60 31.66 5.57 18.87
C LYS F 60 30.49 5.87 19.82
N GLU F 61 29.51 6.60 19.31
CA GLU F 61 28.35 6.97 20.09
C GLU F 61 27.71 5.80 20.82
N TYR F 62 27.79 4.60 20.23
CA TYR F 62 27.16 3.43 20.84
C TYR F 62 28.06 2.46 21.60
N ILE F 63 29.20 2.90 22.09
CA ILE F 63 30.05 1.97 22.82
C ILE F 63 29.62 1.94 24.28
N LYS F 64 29.60 3.09 24.91
CA LYS F 64 29.18 3.20 26.31
C LYS F 64 27.74 2.72 26.62
N GLN F 65 26.82 2.87 25.65
CA GLN F 65 25.39 2.50 25.75
C GLN F 65 25.21 1.03 25.54
N LYS F 66 25.69 0.32 26.51
CA LYS F 66 25.73 -1.06 26.36
C LYS F 66 24.55 -1.85 25.97
N GLY F 67 24.73 -2.24 24.70
CA GLY F 67 23.83 -3.02 23.86
C GLY F 67 24.75 -3.93 23.06
N GLU F 68 25.24 -4.88 23.80
CA GLU F 68 26.15 -5.92 23.39
C GLU F 68 25.40 -7.23 23.68
N ARG F 69 24.31 -7.11 24.47
CA ARG F 69 23.41 -8.22 24.79
C ARG F 69 22.71 -8.27 23.43
N LYS F 70 22.47 -7.11 22.83
CA LYS F 70 21.81 -6.95 21.52
C LYS F 70 22.57 -7.49 20.32
N ILE F 71 23.90 -7.41 20.34
CA ILE F 71 24.73 -7.91 19.24
C ILE F 71 24.61 -9.44 19.11
N PHE F 72 24.92 -10.10 20.22
CA PHE F 72 24.90 -11.54 20.29
C PHE F 72 23.54 -12.11 20.07
N MET F 73 22.53 -11.29 20.27
CA MET F 73 21.18 -11.76 20.07
C MET F 73 20.88 -11.70 18.57
N ALA F 74 21.63 -10.88 17.85
CA ALA F 74 21.48 -10.74 16.39
C ALA F 74 22.39 -11.77 15.77
N HIS F 75 23.49 -12.02 16.46
CA HIS F 75 24.46 -13.02 16.05
C HIS F 75 23.70 -14.34 15.95
N LYS F 76 23.22 -14.85 17.09
CA LYS F 76 22.47 -16.13 17.12
C LYS F 76 21.46 -16.28 15.98
N ASN F 77 20.70 -15.23 15.74
CA ASN F 77 19.70 -15.28 14.69
C ASN F 77 20.35 -15.71 13.38
N CYS F 78 21.67 -15.52 13.28
CA CYS F 78 22.39 -15.88 12.07
C CYS F 78 22.53 -17.37 11.85
N GLY F 79 22.25 -18.14 12.88
CA GLY F 79 22.35 -19.59 12.76
C GLY F 79 23.73 -20.02 12.31
N ASN F 80 23.76 -20.77 11.21
CA ASN F 80 25.01 -21.29 10.66
C ASN F 80 25.27 -20.69 9.26
N MET F 81 24.93 -19.41 9.13
CA MET F 81 25.12 -18.66 7.90
C MET F 81 26.64 -18.59 7.67
N SER F 82 27.08 -18.61 6.41
CA SER F 82 28.51 -18.59 6.09
C SER F 82 29.10 -17.19 6.12
N GLU F 83 30.42 -17.11 6.25
CA GLU F 83 31.07 -15.81 6.30
C GLU F 83 30.66 -14.98 5.08
N ILE F 84 30.29 -15.67 4.01
CA ILE F 84 29.87 -15.04 2.76
C ILE F 84 28.45 -14.47 2.87
N GLU F 85 27.48 -15.35 3.07
CA GLU F 85 26.10 -14.91 3.19
C GLU F 85 26.03 -13.67 4.07
N ALA F 86 26.73 -13.73 5.20
CA ALA F 86 26.74 -12.63 6.16
C ALA F 86 27.27 -11.31 5.60
N LYS F 87 28.34 -11.39 4.80
CA LYS F 87 28.90 -10.19 4.22
C LYS F 87 27.90 -9.58 3.24
N VAL F 88 27.17 -10.45 2.55
CA VAL F 88 26.18 -10.01 1.57
C VAL F 88 24.93 -9.43 2.20
N ARG F 89 24.46 -10.00 3.30
CA ARG F 89 23.27 -9.47 3.95
C ARG F 89 23.61 -8.15 4.65
N TYR F 90 24.84 -8.06 5.15
CA TYR F 90 25.35 -6.87 5.84
C TYR F 90 25.31 -5.67 4.89
N VAL F 91 26.01 -5.82 3.77
CA VAL F 91 26.11 -4.79 2.76
C VAL F 91 24.76 -4.44 2.14
N LYS F 92 23.86 -5.41 2.07
CA LYS F 92 22.54 -5.15 1.53
C LYS F 92 21.72 -4.45 2.59
N LEU F 93 22.10 -4.63 3.85
CA LEU F 93 21.37 -3.96 4.90
C LEU F 93 21.85 -2.52 4.85
N ALA F 94 23.13 -2.34 4.61
CA ALA F 94 23.73 -1.02 4.54
C ALA F 94 23.04 -0.16 3.49
N ARG F 95 23.06 -0.63 2.25
CA ARG F 95 22.47 0.09 1.13
C ARG F 95 20.99 0.39 1.38
N SER F 96 20.31 -0.52 2.06
CA SER F 96 18.91 -0.33 2.35
C SER F 96 18.64 1.01 3.02
N LEU F 97 19.52 1.41 3.96
CA LEU F 97 19.37 2.67 4.71
C LEU F 97 19.39 3.98 3.93
N LYS F 98 18.41 4.84 4.22
CA LYS F 98 18.26 6.13 3.57
C LYS F 98 19.43 7.08 3.77
N THR F 99 20.32 6.75 4.71
CA THR F 99 21.51 7.56 5.01
C THR F 99 22.72 7.03 4.27
N TYR F 100 22.51 6.05 3.40
CA TYR F 100 23.61 5.45 2.66
C TYR F 100 24.19 6.37 1.60
N GLY F 101 25.50 6.28 1.39
CA GLY F 101 26.16 7.11 0.41
C GLY F 101 25.82 8.57 0.53
N VAL F 102 25.92 9.10 1.75
CA VAL F 102 25.62 10.49 2.02
C VAL F 102 26.70 11.13 2.87
N SER F 103 27.09 12.35 2.50
CA SER F 103 28.10 13.05 3.28
C SER F 103 27.40 13.81 4.39
N PHE F 104 27.79 13.51 5.63
CA PHE F 104 27.20 14.16 6.78
C PHE F 104 28.11 15.15 7.49
N PHE F 105 27.51 16.20 8.05
CA PHE F 105 28.23 17.22 8.78
C PHE F 105 27.42 17.52 10.05
N LEU F 106 28.11 17.56 11.18
CA LEU F 106 27.43 17.87 12.43
C LEU F 106 27.20 19.37 12.46
N VAL F 107 25.94 19.77 12.53
CA VAL F 107 25.53 21.18 12.53
C VAL F 107 24.58 21.44 13.67
N LYS F 108 24.49 22.69 14.12
CA LYS F 108 23.56 23.01 15.19
C LYS F 108 22.22 23.34 14.54
N GLU F 109 21.38 24.10 15.23
CA GLU F 109 20.07 24.41 14.67
C GLU F 109 19.19 25.08 15.69
N LYS F 110 18.98 26.39 15.52
CA LYS F 110 18.14 27.14 16.44
C LYS F 110 16.68 26.78 16.17
N MET F 111 16.05 26.16 17.16
CA MET F 111 14.66 25.74 17.03
C MET F 111 13.63 26.70 17.61
N LYS F 112 12.39 26.59 17.11
CA LYS F 112 11.29 27.42 17.56
C LYS F 112 10.90 26.99 18.97
N GLY F 113 10.91 27.95 19.91
CA GLY F 113 10.60 27.65 21.29
C GLY F 113 11.80 28.10 22.12
N LYS F 114 12.76 27.22 22.37
CA LYS F 114 13.91 27.60 23.18
C LYS F 114 15.31 27.85 22.57
N ASN F 115 16.05 28.68 23.29
CA ASN F 115 17.41 29.10 22.98
C ASN F 115 18.40 27.98 23.29
N LYS F 116 18.81 27.30 22.24
CA LYS F 116 19.74 26.17 22.30
C LYS F 116 19.80 25.63 20.89
N LEU F 117 20.97 25.19 20.48
CA LEU F 117 21.17 24.66 19.15
C LEU F 117 21.21 23.15 19.39
N VAL F 118 20.17 22.45 18.93
CA VAL F 118 20.11 21.01 19.09
C VAL F 118 21.01 20.45 17.98
N PRO F 119 22.03 19.68 18.36
CA PRO F 119 22.88 19.15 17.29
C PRO F 119 22.07 18.40 16.25
N ARG F 120 22.52 18.45 15.01
CA ARG F 120 21.83 17.75 13.94
C ARG F 120 22.80 17.27 12.89
N LEU F 121 22.34 16.35 12.07
CA LEU F 121 23.17 15.80 11.00
C LEU F 121 22.65 16.28 9.67
N LEU F 122 23.48 17.03 8.96
CA LEU F 122 23.15 17.56 7.64
C LEU F 122 23.76 16.62 6.60
N GLY F 123 22.96 16.18 5.63
CA GLY F 123 23.46 15.27 4.61
C GLY F 123 23.48 15.88 3.22
N ILE F 124 24.42 15.45 2.39
CA ILE F 124 24.53 16.01 1.05
C ILE F 124 24.93 14.98 0.00
N THR F 125 24.16 14.89 -1.08
CA THR F 125 24.44 13.96 -2.17
C THR F 125 24.20 14.76 -3.44
N LYS F 126 24.67 14.27 -4.59
CA LYS F 126 24.46 15.03 -5.80
C LYS F 126 23.00 15.23 -6.16
N GLU F 127 22.09 14.68 -5.36
CA GLU F 127 20.67 14.85 -5.64
C GLU F 127 19.81 15.51 -4.59
N CYS F 128 20.30 15.65 -3.36
CA CYS F 128 19.48 16.27 -2.31
C CYS F 128 20.21 16.79 -1.07
N VAL F 129 19.44 17.40 -0.18
CA VAL F 129 19.96 17.90 1.07
C VAL F 129 18.97 17.32 2.07
N MET F 130 19.47 16.68 3.12
CA MET F 130 18.57 16.10 4.10
C MET F 130 18.94 16.42 5.55
N ARG F 131 17.90 16.50 6.39
CA ARG F 131 18.06 16.74 7.82
C ARG F 131 17.93 15.38 8.52
N VAL F 132 18.96 14.99 9.26
CA VAL F 132 18.95 13.72 9.97
C VAL F 132 19.06 13.93 11.49
N ASP F 133 18.43 13.05 12.26
CA ASP F 133 18.43 13.18 13.70
C ASP F 133 19.70 12.65 14.33
N GLU F 134 20.44 13.53 14.99
CA GLU F 134 21.71 13.20 15.62
C GLU F 134 21.72 12.02 16.60
N LYS F 135 20.56 11.48 16.91
CA LYS F 135 20.52 10.37 17.85
C LYS F 135 19.78 9.15 17.32
N THR F 136 18.67 9.40 16.63
CA THR F 136 17.84 8.35 16.09
C THR F 136 18.12 8.05 14.63
N LYS F 137 18.82 8.98 13.98
CA LYS F 137 19.21 8.85 12.58
C LYS F 137 18.09 8.63 11.55
N GLU F 138 16.90 9.17 11.82
CA GLU F 138 15.80 9.07 10.86
C GLU F 138 15.82 10.40 10.12
N VAL F 139 15.53 10.36 8.81
CA VAL F 139 15.54 11.55 7.98
C VAL F 139 14.39 12.48 8.36
N ILE F 140 14.73 13.64 8.92
CA ILE F 140 13.71 14.58 9.35
C ILE F 140 13.14 15.33 8.18
N GLN F 141 14.00 15.95 7.37
CA GLN F 141 13.51 16.66 6.18
C GLN F 141 14.34 16.30 4.95
N GLU F 142 13.90 16.75 3.78
CA GLU F 142 14.60 16.47 2.52
C GLU F 142 14.32 17.56 1.49
N TRP F 143 15.34 17.90 0.71
CA TRP F 143 15.21 18.90 -0.34
C TRP F 143 15.96 18.39 -1.54
N SER F 144 15.56 18.84 -2.73
CA SER F 144 16.20 18.43 -3.96
C SER F 144 17.22 19.48 -4.38
N LEU F 145 18.45 19.06 -4.63
CA LEU F 145 19.51 20.00 -5.01
C LEU F 145 19.09 20.94 -6.15
N THR F 146 18.37 20.41 -7.12
CA THR F 146 17.92 21.19 -8.28
C THR F 146 16.99 22.29 -7.85
N ASN F 147 16.79 22.42 -6.54
CA ASN F 147 15.92 23.44 -6.01
C ASN F 147 16.67 24.56 -5.30
N ILE F 148 17.95 24.33 -5.07
CA ILE F 148 18.76 25.32 -4.38
C ILE F 148 18.94 26.61 -5.18
N LYS F 149 18.83 27.75 -4.51
CA LYS F 149 19.05 29.03 -5.18
C LYS F 149 20.51 29.41 -4.99
N ARG F 150 20.91 29.48 -3.74
CA ARG F 150 22.27 29.85 -3.36
C ARG F 150 22.57 29.36 -1.94
N TRP F 151 23.72 29.77 -1.42
CA TRP F 151 24.14 29.36 -0.10
C TRP F 151 25.29 30.28 0.31
N ALA F 152 25.51 30.40 1.62
CA ALA F 152 26.59 31.25 2.14
C ALA F 152 27.25 30.43 3.22
N ALA F 153 28.44 30.87 3.61
CA ALA F 153 29.18 30.20 4.64
C ALA F 153 30.05 31.22 5.33
N SER F 154 30.17 31.12 6.65
CA SER F 154 31.01 32.01 7.43
C SER F 154 31.72 31.07 8.40
N PRO F 155 32.86 31.48 8.96
CA PRO F 155 33.60 30.64 9.91
C PRO F 155 32.75 29.97 10.98
N LYS F 156 31.54 30.45 11.17
CA LYS F 156 30.67 29.86 12.19
C LYS F 156 29.22 29.65 11.76
N SER F 157 28.97 29.62 10.46
CA SER F 157 27.63 29.42 9.95
C SER F 157 27.59 28.95 8.50
N PHE F 158 26.46 28.43 8.09
CA PHE F 158 26.26 27.99 6.74
C PHE F 158 24.79 28.28 6.51
N THR F 159 24.44 28.79 5.34
CA THR F 159 23.05 29.10 5.10
C THR F 159 22.59 28.74 3.70
N LEU F 160 21.41 28.12 3.62
CA LEU F 160 20.83 27.66 2.37
C LEU F 160 19.53 28.35 2.02
N ASP F 161 19.43 28.81 0.78
CA ASP F 161 18.22 29.46 0.28
C ASP F 161 17.59 28.58 -0.78
N PHE F 162 16.30 28.31 -0.61
CA PHE F 162 15.55 27.46 -1.52
C PHE F 162 14.48 28.27 -2.25
N GLY F 163 14.60 29.58 -2.19
CA GLY F 163 13.62 30.43 -2.85
C GLY F 163 12.31 30.33 -2.10
N ASP F 164 12.15 29.25 -1.35
CA ASP F 164 10.95 28.97 -0.57
C ASP F 164 10.39 30.15 0.24
N TYR F 165 9.38 30.80 -0.35
CA TYR F 165 8.70 31.92 0.25
C TYR F 165 8.35 31.77 1.73
N GLN F 166 7.65 30.70 2.10
CA GLN F 166 7.23 30.59 3.48
C GLN F 166 8.14 29.87 4.46
N ASP F 167 9.00 28.98 3.98
CA ASP F 167 9.90 28.28 4.92
C ASP F 167 11.07 29.16 5.32
N GLY F 168 11.46 30.06 4.41
CA GLY F 168 12.57 30.94 4.68
C GLY F 168 13.86 30.18 4.41
N TYR F 169 14.96 30.61 5.01
CA TYR F 169 16.24 29.95 4.81
C TYR F 169 16.43 28.84 5.84
N TYR F 170 17.50 28.09 5.64
CA TYR F 170 17.90 27.07 6.57
C TYR F 170 19.29 27.56 6.92
N SER F 171 19.50 27.95 8.17
CA SER F 171 20.83 28.42 8.58
C SER F 171 21.26 27.62 9.80
N VAL F 172 22.51 27.22 9.85
CA VAL F 172 22.96 26.45 11.00
C VAL F 172 24.35 26.80 11.51
N GLN F 173 24.58 26.49 12.78
CA GLN F 173 25.85 26.77 13.43
C GLN F 173 26.78 25.64 13.07
N THR F 174 27.94 25.99 12.50
CA THR F 174 28.88 24.96 12.11
C THR F 174 30.28 25.51 11.82
N THR F 175 31.25 24.60 11.78
CA THR F 175 32.62 24.95 11.50
C THR F 175 32.99 24.44 10.13
N GLU F 176 32.04 23.80 9.47
CA GLU F 176 32.28 23.25 8.14
C GLU F 176 31.46 23.91 7.06
N GLY F 177 31.29 25.21 7.18
CA GLY F 177 30.54 25.91 6.17
C GLY F 177 31.28 25.87 4.85
N GLU F 178 32.57 26.21 4.86
CA GLU F 178 33.37 26.24 3.64
C GLU F 178 33.24 24.92 2.93
N GLN F 179 33.55 23.84 3.65
CA GLN F 179 33.47 22.50 3.10
C GLN F 179 32.10 22.19 2.50
N ILE F 180 31.04 22.41 3.30
CA ILE F 180 29.69 22.19 2.86
C ILE F 180 29.44 22.99 1.58
N ALA F 181 29.91 24.23 1.59
CA ALA F 181 29.73 25.10 0.46
C ALA F 181 30.46 24.59 -0.77
N GLN F 182 31.58 23.92 -0.55
CA GLN F 182 32.42 23.40 -1.63
C GLN F 182 31.88 22.14 -2.28
N LEU F 183 31.16 21.33 -1.52
CA LEU F 183 30.60 20.11 -2.06
C LEU F 183 29.36 20.45 -2.87
N ILE F 184 28.46 21.21 -2.25
CA ILE F 184 27.22 21.66 -2.87
C ILE F 184 27.54 22.34 -4.18
N ALA F 185 28.56 23.19 -4.17
CA ALA F 185 28.98 23.92 -5.35
C ALA F 185 29.47 22.93 -6.41
N GLY F 186 30.17 21.91 -5.96
CA GLY F 186 30.68 20.91 -6.87
C GLY F 186 29.51 20.21 -7.52
N TYR F 187 28.61 19.68 -6.72
CA TYR F 187 27.44 18.96 -7.22
C TYR F 187 26.54 19.81 -8.11
N ILE F 188 26.41 21.09 -7.76
CA ILE F 188 25.56 21.97 -8.52
C ILE F 188 26.14 22.50 -9.84
N ASP F 189 27.31 22.02 -10.22
CA ASP F 189 27.93 22.47 -11.46
C ASP F 189 27.71 21.41 -12.55
N ILE F 190 27.79 20.15 -12.11
CA ILE F 190 27.62 18.99 -12.97
C ILE F 190 26.14 18.63 -13.10
N HIS G 3 24.78 38.42 4.32
CA HIS G 3 25.16 37.09 3.84
C HIS G 3 25.99 37.12 2.56
N MET G 4 27.16 36.47 2.60
CA MET G 4 28.09 36.36 1.48
C MET G 4 27.64 35.29 0.48
N TRP G 5 26.42 35.44 -0.03
CA TRP G 5 25.81 34.50 -0.98
C TRP G 5 26.67 34.02 -2.11
N ASP G 6 26.39 32.81 -2.58
CA ASP G 6 27.08 32.16 -3.70
C ASP G 6 25.95 31.44 -4.45
N THR G 7 25.62 31.96 -5.62
CA THR G 7 24.52 31.45 -6.45
C THR G 7 24.63 30.08 -7.10
N ALA G 8 23.49 29.44 -7.31
CA ALA G 8 23.45 28.13 -7.96
C ALA G 8 23.25 28.44 -9.44
N ASN G 9 22.97 29.71 -9.71
CA ASN G 9 22.70 30.18 -11.06
C ASN G 9 21.63 29.25 -11.57
N ASN G 10 20.50 29.26 -10.88
CA ASN G 10 19.39 28.40 -11.20
C ASN G 10 18.43 29.08 -12.15
N PRO G 11 17.86 28.31 -13.08
CA PRO G 11 16.91 28.85 -14.03
C PRO G 11 15.64 29.20 -13.24
N LEU G 12 15.36 28.39 -12.24
CA LEU G 12 14.19 28.61 -11.42
C LEU G 12 14.15 29.98 -10.78
N TYR G 13 15.28 30.64 -10.64
CA TYR G 13 15.31 31.94 -9.98
C TYR G 13 16.00 33.05 -10.74
N LYS G 14 16.81 32.67 -11.72
CA LYS G 14 17.51 33.63 -12.57
C LYS G 14 16.56 34.08 -13.66
N GLU G 15 16.93 35.19 -14.32
CA GLU G 15 16.16 35.78 -15.41
C GLU G 15 15.98 34.86 -16.62
N ALA G 16 16.23 33.56 -16.50
CA ALA G 16 16.11 32.66 -17.62
C ALA G 16 14.74 32.41 -18.19
N PRO H 1 14.25 33.31 -19.08
CA PRO H 1 12.92 33.08 -19.66
C PRO H 1 12.78 31.80 -20.47
N VAL H 2 13.75 31.57 -21.33
CA VAL H 2 13.77 30.39 -22.15
C VAL H 2 13.99 29.13 -21.34
N GLN H 3 15.11 29.03 -20.65
CA GLN H 3 15.41 27.85 -19.84
C GLN H 3 14.32 27.37 -18.86
N LEU H 4 13.74 28.28 -18.09
CA LEU H 4 12.68 27.87 -17.16
C LEU H 4 11.52 27.26 -17.94
N ASN H 5 11.13 27.94 -19.02
CA ASN H 5 10.03 27.50 -19.87
C ASN H 5 10.21 26.06 -20.37
N LEU H 6 11.45 25.72 -20.72
CA LEU H 6 11.77 24.37 -21.18
C LEU H 6 11.51 23.35 -20.06
N LEU H 7 11.86 23.71 -18.82
CA LEU H 7 11.66 22.83 -17.67
C LEU H 7 10.17 22.66 -17.43
N TYR H 8 9.42 23.72 -17.70
CA TYR H 8 7.96 23.72 -17.53
C TYR H 8 7.26 22.84 -18.56
N VAL H 9 7.46 23.18 -19.83
CA VAL H 9 6.86 22.44 -20.92
C VAL H 9 7.14 20.94 -20.72
N GLN H 10 8.39 20.64 -20.42
CA GLN H 10 8.81 19.26 -20.21
C GLN H 10 8.01 18.58 -19.12
N ALA H 11 7.94 19.21 -17.95
CA ALA H 11 7.21 18.64 -16.84
C ALA H 11 5.71 18.61 -17.11
N ARG H 12 5.22 19.67 -17.73
CA ARG H 12 3.80 19.74 -18.05
C ARG H 12 3.44 18.53 -18.90
N ASP H 13 4.08 18.39 -20.06
CA ASP H 13 3.81 17.29 -20.97
C ASP H 13 3.90 15.90 -20.34
N ASP H 14 4.98 15.66 -19.60
CA ASP H 14 5.17 14.38 -18.94
C ASP H 14 3.94 14.04 -18.13
N ILE H 15 3.20 15.07 -17.73
CA ILE H 15 1.99 14.87 -16.96
C ILE H 15 0.77 14.76 -17.88
N LEU H 16 0.62 15.71 -18.79
CA LEU H 16 -0.50 15.71 -19.71
C LEU H 16 -0.59 14.41 -20.49
N ASN H 17 0.57 13.85 -20.85
CA ASN H 17 0.57 12.60 -21.61
C ASN H 17 0.86 11.45 -20.69
N GLY H 18 0.21 11.47 -19.54
CA GLY H 18 0.38 10.41 -18.57
C GLY H 18 1.71 9.66 -18.60
N SER H 19 2.83 10.36 -18.60
CA SER H 19 4.15 9.70 -18.56
C SER H 19 4.68 9.80 -17.14
N HIS H 20 4.16 10.80 -16.42
CA HIS H 20 4.46 11.02 -15.02
C HIS H 20 3.12 10.93 -14.28
N PRO H 21 2.81 9.76 -13.75
CA PRO H 21 1.58 9.47 -13.01
C PRO H 21 1.36 10.35 -11.77
N VAL H 22 0.20 10.98 -11.70
CA VAL H 22 -0.15 11.84 -10.56
C VAL H 22 -1.62 11.65 -10.15
N SER H 23 -1.92 11.90 -8.88
CA SER H 23 -3.28 11.74 -8.39
C SER H 23 -4.21 12.88 -8.83
N PHE H 24 -5.50 12.57 -8.89
CA PHE H 24 -6.51 13.55 -9.29
C PHE H 24 -6.21 14.93 -8.73
N ASP H 25 -6.25 15.05 -7.40
CA ASP H 25 -5.99 16.33 -6.76
C ASP H 25 -4.79 17.05 -7.37
N LYS H 26 -3.61 16.44 -7.28
CA LYS H 26 -2.40 17.04 -7.84
C LYS H 26 -2.59 17.41 -9.30
N ALA H 27 -3.21 16.51 -10.06
CA ALA H 27 -3.43 16.75 -11.47
C ALA H 27 -4.14 18.10 -11.66
N CYS H 28 -5.03 18.40 -10.73
CA CYS H 28 -5.81 19.63 -10.79
C CYS H 28 -5.02 20.83 -10.35
N GLU H 29 -4.09 20.62 -9.43
CA GLU H 29 -3.27 21.73 -8.98
C GLU H 29 -2.39 22.17 -10.15
N PHE H 30 -1.93 21.21 -10.94
CA PHE H 30 -1.10 21.54 -12.08
C PHE H 30 -1.91 22.30 -13.10
N ALA H 31 -3.14 21.87 -13.34
CA ALA H 31 -4.00 22.59 -14.30
C ALA H 31 -4.29 23.98 -13.73
N GLY H 32 -4.21 24.09 -12.40
CA GLY H 32 -4.46 25.35 -11.73
C GLY H 32 -3.33 26.30 -12.06
N TYR H 33 -2.13 25.76 -12.23
CA TYR H 33 -0.98 26.60 -12.56
C TYR H 33 -1.00 26.79 -14.06
N GLN H 34 -1.46 25.78 -14.80
CA GLN H 34 -1.50 25.88 -16.24
C GLN H 34 -2.41 27.05 -16.64
N CYS H 35 -3.51 27.21 -15.92
CA CYS H 35 -4.44 28.31 -16.20
C CYS H 35 -3.81 29.68 -15.94
N GLN H 36 -3.13 29.80 -14.80
CA GLN H 36 -2.50 31.03 -14.42
C GLN H 36 -1.52 31.41 -15.53
N ILE H 37 -0.70 30.44 -15.89
CA ILE H 37 0.32 30.65 -16.92
C ILE H 37 -0.31 30.98 -18.27
N GLN H 38 -1.36 30.25 -18.61
CA GLN H 38 -2.04 30.42 -19.89
C GLN H 38 -3.04 31.57 -19.96
N PHE H 39 -3.81 31.80 -18.90
CA PHE H 39 -4.83 32.84 -18.94
C PHE H 39 -4.65 34.06 -18.08
N GLY H 40 -3.56 34.12 -17.33
CA GLY H 40 -3.36 35.28 -16.49
C GLY H 40 -4.30 35.08 -15.33
N PRO H 41 -4.26 35.95 -14.30
CA PRO H 41 -5.12 35.81 -13.12
C PRO H 41 -6.57 35.37 -13.40
N HIS H 42 -7.08 34.59 -12.46
CA HIS H 42 -8.44 34.08 -12.55
C HIS H 42 -9.44 35.23 -12.66
N ASN H 43 -10.35 35.08 -13.61
CA ASN H 43 -11.40 36.05 -13.86
C ASN H 43 -12.71 35.25 -13.74
N GLU H 44 -13.22 35.17 -12.52
CA GLU H 44 -14.44 34.42 -12.20
C GLU H 44 -15.62 34.60 -13.15
N GLN H 45 -15.51 35.53 -14.08
CA GLN H 45 -16.57 35.78 -15.04
C GLN H 45 -16.40 34.86 -16.26
N LYS H 46 -15.20 34.93 -16.85
CA LYS H 46 -14.86 34.15 -18.03
C LYS H 46 -14.30 32.75 -17.71
N HIS H 47 -13.86 32.54 -16.47
CA HIS H 47 -13.27 31.26 -16.08
C HIS H 47 -14.20 30.36 -15.27
N LYS H 48 -15.23 29.82 -15.93
CA LYS H 48 -16.17 28.93 -15.27
C LYS H 48 -16.43 27.67 -16.09
N PRO H 49 -16.68 26.53 -15.42
CA PRO H 49 -16.93 25.21 -16.01
C PRO H 49 -17.43 25.24 -17.46
N GLY H 50 -16.68 24.58 -18.35
CA GLY H 50 -17.05 24.55 -19.75
C GLY H 50 -16.10 25.32 -20.64
N PHE H 51 -15.59 26.43 -20.11
CA PHE H 51 -14.65 27.30 -20.84
C PHE H 51 -13.33 26.60 -21.15
N LEU H 52 -13.04 25.52 -20.44
CA LEU H 52 -11.77 24.85 -20.66
C LEU H 52 -11.80 23.49 -21.29
N GLU H 53 -11.06 23.32 -22.38
CA GLU H 53 -10.96 22.03 -23.05
C GLU H 53 -10.06 21.15 -22.16
N LEU H 54 -10.70 20.35 -21.32
CA LEU H 54 -9.99 19.48 -20.39
C LEU H 54 -8.96 18.55 -21.01
N LYS H 55 -9.16 18.15 -22.26
CA LYS H 55 -8.21 17.26 -22.92
C LYS H 55 -6.78 17.71 -22.73
N ASP H 56 -6.54 19.00 -22.94
CA ASP H 56 -5.20 19.56 -22.84
C ASP H 56 -4.73 19.99 -21.44
N PHE H 57 -5.60 19.88 -20.44
CA PHE H 57 -5.24 20.31 -19.10
C PHE H 57 -5.08 19.20 -18.05
N LEU H 58 -5.49 17.99 -18.38
CA LEU H 58 -5.38 16.89 -17.44
C LEU H 58 -5.05 15.59 -18.14
N PRO H 59 -4.46 14.65 -17.41
CA PRO H 59 -4.11 13.35 -17.99
C PRO H 59 -5.40 12.65 -18.44
N LYS H 60 -5.34 11.93 -19.56
CA LYS H 60 -6.48 11.18 -20.10
C LYS H 60 -7.40 10.62 -19.02
N GLU H 61 -6.83 9.97 -18.02
CA GLU H 61 -7.58 9.36 -16.94
C GLU H 61 -8.54 10.28 -16.22
N TYR H 62 -8.17 11.54 -16.05
CA TYR H 62 -9.01 12.49 -15.30
C TYR H 62 -9.97 13.39 -16.06
N ILE H 63 -9.93 13.33 -17.38
CA ILE H 63 -10.85 14.14 -18.16
C ILE H 63 -12.28 13.97 -17.61
N LYS H 64 -12.88 12.81 -17.91
CA LYS H 64 -14.24 12.47 -17.43
C LYS H 64 -14.77 12.75 -16.00
N GLN H 65 -13.96 12.49 -14.99
CA GLN H 65 -14.33 12.70 -13.58
C GLN H 65 -14.38 14.20 -13.31
N LYS H 66 -14.96 14.95 -14.23
CA LYS H 66 -14.93 16.37 -14.12
C LYS H 66 -14.53 17.21 -12.94
N GLY H 67 -13.22 17.53 -12.99
CA GLY H 67 -12.54 18.31 -11.98
C GLY H 67 -12.41 19.78 -12.30
N GLU H 68 -12.87 20.17 -13.48
CA GLU H 68 -12.82 21.57 -13.88
C GLU H 68 -13.02 22.44 -12.64
N ARG H 69 -14.08 22.17 -11.91
CA ARG H 69 -14.36 22.93 -10.71
C ARG H 69 -13.11 23.04 -9.85
N LYS H 70 -12.39 21.94 -9.66
CA LYS H 70 -11.17 21.96 -8.82
C LYS H 70 -10.03 22.76 -9.47
N ILE H 71 -9.97 22.69 -10.79
CA ILE H 71 -8.96 23.40 -11.54
C ILE H 71 -9.11 24.91 -11.30
N PHE H 72 -10.33 25.40 -11.49
CA PHE H 72 -10.66 26.81 -11.30
C PHE H 72 -10.48 27.27 -9.87
N MET H 73 -10.38 26.29 -8.97
CA MET H 73 -10.21 26.61 -7.57
C MET H 73 -8.73 26.78 -7.25
N ALA H 74 -7.90 25.98 -7.92
CA ALA H 74 -6.46 26.05 -7.74
C ALA H 74 -6.00 27.28 -8.50
N HIS H 75 -6.72 27.64 -9.54
CA HIS H 75 -6.35 28.81 -10.30
C HIS H 75 -6.59 30.04 -9.43
N LYS H 76 -7.84 30.27 -9.05
CA LYS H 76 -8.22 31.41 -8.21
C LYS H 76 -7.22 31.64 -7.07
N ASN H 77 -6.84 30.56 -6.40
CA ASN H 77 -5.92 30.67 -5.29
C ASN H 77 -4.48 31.04 -5.66
N CYS H 78 -4.30 31.56 -6.86
CA CYS H 78 -2.98 31.96 -7.33
C CYS H 78 -2.85 33.48 -7.34
N GLY H 79 -3.89 34.16 -6.87
CA GLY H 79 -3.87 35.62 -6.84
C GLY H 79 -3.54 36.27 -8.17
N ASN H 80 -2.47 37.05 -8.20
CA ASN H 80 -2.07 37.69 -9.44
C ASN H 80 -0.64 37.27 -9.75
N MET H 81 -0.34 36.07 -9.29
CA MET H 81 0.94 35.44 -9.50
C MET H 81 1.30 35.61 -10.96
N SER H 82 2.58 35.90 -11.22
CA SER H 82 3.04 36.10 -12.59
C SER H 82 3.13 34.81 -13.39
N GLU H 83 3.24 35.00 -14.70
CA GLU H 83 3.35 33.93 -15.68
C GLU H 83 4.61 33.09 -15.48
N ILE H 84 5.60 33.64 -14.79
CA ILE H 84 6.85 32.91 -14.55
C ILE H 84 6.87 32.27 -13.16
N GLU H 85 6.20 32.91 -12.22
CA GLU H 85 6.13 32.40 -10.88
C GLU H 85 5.43 31.04 -10.86
N ALA H 86 4.32 30.95 -11.58
CA ALA H 86 3.53 29.73 -11.67
C ALA H 86 4.34 28.59 -12.29
N LYS H 87 5.12 28.90 -13.32
CA LYS H 87 5.96 27.88 -13.96
C LYS H 87 6.91 27.29 -12.91
N VAL H 88 7.58 28.16 -12.17
CA VAL H 88 8.50 27.74 -11.14
C VAL H 88 7.81 26.86 -10.10
N ARG H 89 6.61 27.26 -9.69
CA ARG H 89 5.84 26.51 -8.68
C ARG H 89 5.35 25.19 -9.21
N TYR H 90 5.11 25.15 -10.51
CA TYR H 90 4.64 23.95 -11.17
C TYR H 90 5.78 22.94 -11.21
N VAL H 91 6.93 23.37 -11.71
CA VAL H 91 8.06 22.47 -11.82
C VAL H 91 8.50 21.94 -10.46
N LYS H 92 8.40 22.77 -9.44
CA LYS H 92 8.79 22.38 -8.09
C LYS H 92 7.80 21.33 -7.61
N LEU H 93 6.53 21.57 -7.89
CA LEU H 93 5.48 20.65 -7.49
C LEU H 93 5.70 19.27 -8.11
N ALA H 94 6.06 19.27 -9.39
CA ALA H 94 6.31 18.05 -10.14
C ALA H 94 7.48 17.25 -9.58
N ARG H 95 8.53 17.96 -9.18
CA ARG H 95 9.71 17.31 -8.63
C ARG H 95 9.39 16.67 -7.28
N SER H 96 8.69 17.41 -6.44
CA SER H 96 8.33 16.92 -5.13
C SER H 96 7.58 15.56 -5.14
N LEU H 97 7.23 15.05 -6.31
CA LEU H 97 6.51 13.78 -6.36
C LEU H 97 7.48 12.61 -6.45
N LYS H 98 7.29 11.61 -5.58
CA LYS H 98 8.16 10.41 -5.58
C LYS H 98 8.15 9.79 -6.95
N THR H 99 7.10 10.05 -7.68
CA THR H 99 6.90 9.53 -9.03
C THR H 99 7.64 10.34 -10.08
N TYR H 100 8.45 11.30 -9.64
CA TYR H 100 9.18 12.15 -10.58
C TYR H 100 10.40 11.51 -11.24
N GLY H 101 10.43 11.56 -12.56
CA GLY H 101 11.57 10.99 -13.27
C GLY H 101 11.70 9.49 -13.06
N VAL H 102 10.65 8.77 -13.42
CA VAL H 102 10.61 7.33 -13.26
C VAL H 102 9.81 6.64 -14.38
N SER H 103 10.49 5.88 -15.23
CA SER H 103 9.79 5.20 -16.29
C SER H 103 8.83 4.16 -15.71
N PHE H 104 7.56 4.27 -16.10
CA PHE H 104 6.52 3.36 -15.63
C PHE H 104 5.96 2.45 -16.73
N PHE H 105 5.54 1.24 -16.33
CA PHE H 105 4.91 0.28 -17.25
C PHE H 105 3.67 -0.27 -16.56
N LEU H 106 2.59 -0.46 -17.32
CA LEU H 106 1.33 -0.97 -16.76
C LEU H 106 1.38 -2.48 -16.64
N VAL H 107 1.30 -2.96 -15.40
CA VAL H 107 1.35 -4.39 -15.14
C VAL H 107 0.05 -4.91 -14.55
N LYS H 108 0.08 -6.17 -14.13
CA LYS H 108 -1.09 -6.82 -13.54
C LYS H 108 -0.69 -7.87 -12.50
N GLU H 109 -0.44 -7.44 -11.27
CA GLU H 109 -0.08 -8.37 -10.20
C GLU H 109 -1.22 -9.33 -9.94
N LYS H 110 -0.89 -10.61 -9.81
CA LYS H 110 -1.88 -11.62 -9.50
C LYS H 110 -1.82 -11.79 -7.99
N ASN H 115 -6.98 -14.10 -7.08
CA ASN H 115 -7.26 -14.70 -8.37
C ASN H 115 -7.32 -13.64 -9.45
N LYS H 116 -7.82 -12.47 -9.06
CA LYS H 116 -7.94 -11.35 -9.99
C LYS H 116 -6.56 -10.70 -10.12
N LEU H 117 -6.29 -10.13 -11.29
CA LEU H 117 -5.00 -9.48 -11.53
C LEU H 117 -5.22 -7.98 -11.37
N VAL H 118 -4.87 -7.44 -10.21
CA VAL H 118 -5.08 -6.01 -9.98
C VAL H 118 -4.03 -5.18 -10.69
N PRO H 119 -4.47 -4.23 -11.55
CA PRO H 119 -3.57 -3.36 -12.31
C PRO H 119 -2.59 -2.69 -11.39
N ARG H 120 -1.38 -2.46 -11.88
CA ARG H 120 -0.35 -1.82 -11.08
C ARG H 120 0.64 -1.06 -11.94
N LEU H 121 1.20 0.01 -11.36
CA LEU H 121 2.20 0.79 -12.07
C LEU H 121 3.54 0.30 -11.53
N LEU H 122 4.48 0.07 -12.43
CA LEU H 122 5.81 -0.39 -12.08
C LEU H 122 6.86 0.65 -12.48
N GLY H 123 7.54 1.23 -11.49
CA GLY H 123 8.55 2.25 -11.75
C GLY H 123 9.95 1.69 -11.85
N ILE H 124 10.81 2.35 -12.64
CA ILE H 124 12.18 1.89 -12.84
C ILE H 124 13.19 2.99 -13.11
N THR H 125 14.02 3.29 -12.13
CA THR H 125 15.07 4.31 -12.28
C THR H 125 16.40 3.67 -11.91
N LYS H 126 17.47 4.12 -12.55
CA LYS H 126 18.82 3.60 -12.31
C LYS H 126 19.28 3.51 -10.84
N GLU H 127 18.36 3.64 -9.89
CA GLU H 127 18.68 3.55 -8.46
C GLU H 127 17.64 2.75 -7.65
N CYS H 128 16.50 2.43 -8.27
CA CYS H 128 15.46 1.66 -7.58
C CYS H 128 14.23 1.30 -8.42
N VAL H 129 13.53 0.25 -8.00
CA VAL H 129 12.31 -0.25 -8.65
C VAL H 129 11.19 -0.04 -7.62
N MET H 130 10.03 0.46 -8.04
CA MET H 130 8.96 0.72 -7.07
C MET H 130 7.52 0.42 -7.51
N ARG H 131 6.70 -0.02 -6.56
CA ARG H 131 5.31 -0.36 -6.85
C ARG H 131 4.38 0.83 -6.65
N VAL H 132 3.63 1.17 -7.68
CA VAL H 132 2.75 2.28 -7.57
C VAL H 132 1.31 1.90 -7.84
N ASP H 133 0.42 2.56 -7.10
CA ASP H 133 -1.02 2.33 -7.17
C ASP H 133 -1.57 2.96 -8.46
N GLU H 134 -2.11 2.13 -9.34
CA GLU H 134 -2.63 2.60 -10.61
C GLU H 134 -3.70 3.69 -10.52
N LYS H 135 -4.31 3.85 -9.34
CA LYS H 135 -5.33 4.87 -9.16
C LYS H 135 -4.87 6.04 -8.29
N THR H 136 -4.46 5.73 -7.07
CA THR H 136 -3.99 6.77 -6.14
C THR H 136 -2.56 7.22 -6.43
N LYS H 137 -1.81 6.38 -7.12
CA LYS H 137 -0.44 6.69 -7.48
C LYS H 137 0.60 6.65 -6.35
N GLU H 138 0.16 6.39 -5.12
CA GLU H 138 1.08 6.34 -3.99
C GLU H 138 2.04 5.18 -4.23
N VAL H 139 3.24 5.28 -3.70
CA VAL H 139 4.24 4.24 -3.83
C VAL H 139 3.96 3.19 -2.78
N ILE H 140 3.64 1.97 -3.21
CA ILE H 140 3.34 0.89 -2.27
C ILE H 140 4.57 0.09 -1.79
N GLN H 141 5.54 -0.12 -2.66
CA GLN H 141 6.76 -0.85 -2.28
C GLN H 141 7.92 -0.35 -3.15
N GLU H 142 9.15 -0.52 -2.68
CA GLU H 142 10.33 -0.07 -3.43
C GLU H 142 11.56 -0.96 -3.19
N TRP H 143 12.40 -1.13 -4.22
CA TRP H 143 13.60 -1.96 -4.10
C TRP H 143 14.84 -1.24 -4.64
N SER H 144 16.01 -1.70 -4.22
CA SER H 144 17.26 -1.14 -4.67
C SER H 144 17.80 -1.86 -5.90
N LEU H 145 18.11 -1.10 -6.95
CA LEU H 145 18.64 -1.70 -8.18
C LEU H 145 19.90 -2.56 -7.99
N THR H 146 20.54 -2.45 -6.83
CA THR H 146 21.73 -3.23 -6.51
C THR H 146 21.32 -4.63 -6.04
N ASN H 147 20.38 -4.67 -5.11
CA ASN H 147 19.89 -5.93 -4.56
C ASN H 147 19.33 -6.90 -5.60
N ILE H 148 19.17 -6.45 -6.84
CA ILE H 148 18.63 -7.31 -7.88
C ILE H 148 19.63 -8.28 -8.52
N LYS H 149 19.43 -9.57 -8.23
CA LYS H 149 20.27 -10.68 -8.71
C LYS H 149 20.00 -11.03 -10.16
N ARG H 150 18.72 -11.15 -10.48
CA ARG H 150 18.32 -11.51 -11.83
C ARG H 150 16.88 -11.09 -12.12
N TRP H 151 16.50 -11.24 -13.38
CA TRP H 151 15.15 -10.90 -13.85
C TRP H 151 14.91 -11.67 -15.14
N ALA H 152 13.66 -12.03 -15.42
CA ALA H 152 13.32 -12.75 -16.63
C ALA H 152 12.03 -12.23 -17.24
N ALA H 153 11.92 -12.33 -18.56
CA ALA H 153 10.72 -11.88 -19.21
C ALA H 153 10.13 -12.95 -20.12
N SER H 154 8.99 -12.62 -20.72
CA SER H 154 8.31 -13.50 -21.63
C SER H 154 7.37 -12.60 -22.40
N PRO H 155 6.66 -13.13 -23.41
CA PRO H 155 5.75 -12.29 -24.17
C PRO H 155 4.68 -11.68 -23.30
N LYS H 156 4.28 -12.39 -22.25
CA LYS H 156 3.24 -11.90 -21.36
C LYS H 156 3.60 -11.74 -19.87
N SER H 157 4.89 -11.82 -19.52
CA SER H 157 5.26 -11.66 -18.13
C SER H 157 6.67 -11.14 -17.87
N PHE H 158 6.91 -10.71 -16.64
CA PHE H 158 8.20 -10.18 -16.21
C PHE H 158 8.44 -10.64 -14.77
N THR H 159 9.63 -11.20 -14.52
CA THR H 159 9.96 -11.68 -13.20
C THR H 159 11.22 -11.11 -12.59
N LEU H 160 11.11 -10.62 -11.36
CA LEU H 160 12.26 -10.05 -10.66
C LEU H 160 12.57 -10.77 -9.34
N ASP H 161 13.77 -11.34 -9.26
CA ASP H 161 14.19 -12.01 -8.04
C ASP H 161 15.32 -11.20 -7.47
N PHE H 162 15.18 -10.85 -6.20
CA PHE H 162 16.18 -10.05 -5.53
C PHE H 162 17.22 -10.95 -4.87
N GLY H 163 16.73 -11.95 -4.14
CA GLY H 163 17.56 -12.90 -3.43
C GLY H 163 16.74 -13.17 -2.18
N ASP H 164 15.89 -12.20 -1.88
CA ASP H 164 14.98 -12.21 -0.76
C ASP H 164 14.30 -13.57 -0.61
N TYR H 165 14.66 -14.31 0.42
CA TYR H 165 14.07 -15.62 0.64
C TYR H 165 12.55 -15.55 0.84
N GLN H 166 12.13 -15.02 1.97
CA GLN H 166 10.69 -14.93 2.27
C GLN H 166 9.80 -14.35 1.16
N ASP H 167 9.99 -13.07 0.85
CA ASP H 167 9.18 -12.43 -0.19
C ASP H 167 9.70 -12.79 -1.56
N GLY H 168 9.77 -14.09 -1.80
CA GLY H 168 10.24 -14.66 -3.05
C GLY H 168 10.53 -13.74 -4.22
N TYR H 169 9.83 -14.02 -5.32
CA TYR H 169 9.97 -13.26 -6.56
C TYR H 169 8.83 -12.26 -6.69
N TYR H 170 8.85 -11.50 -7.78
CA TYR H 170 7.80 -10.54 -8.06
C TYR H 170 7.53 -10.64 -9.56
N SER H 171 6.61 -11.53 -9.91
CA SER H 171 6.27 -11.72 -11.31
C SER H 171 4.94 -11.03 -11.61
N VAL H 172 4.87 -10.38 -12.78
CA VAL H 172 3.68 -9.65 -13.18
C VAL H 172 3.25 -9.98 -14.61
N GLN H 173 2.02 -9.58 -14.95
CA GLN H 173 1.50 -9.75 -16.30
C GLN H 173 1.84 -8.45 -16.98
N THR H 174 2.32 -8.55 -18.20
CA THR H 174 2.70 -7.38 -18.95
C THR H 174 3.19 -7.75 -20.33
N THR H 175 2.85 -6.94 -21.32
CA THR H 175 3.28 -7.18 -22.68
C THR H 175 4.68 -6.60 -22.86
N GLU H 176 5.06 -5.69 -21.97
CA GLU H 176 6.37 -5.03 -22.03
C GLU H 176 7.43 -5.76 -21.23
N GLY H 177 7.53 -7.08 -21.43
CA GLY H 177 8.52 -7.85 -20.70
C GLY H 177 9.94 -7.53 -21.12
N GLU H 178 10.15 -7.57 -22.42
CA GLU H 178 11.46 -7.27 -22.98
C GLU H 178 11.85 -5.86 -22.56
N GLN H 179 11.19 -4.84 -23.11
CA GLN H 179 11.51 -3.46 -22.77
C GLN H 179 11.93 -3.31 -21.31
N ILE H 180 11.05 -3.73 -20.39
CA ILE H 180 11.30 -3.64 -18.95
C ILE H 180 12.63 -4.25 -18.51
N ALA H 181 13.04 -5.33 -19.16
CA ALA H 181 14.30 -5.96 -18.83
C ALA H 181 15.39 -5.08 -19.43
N GLN H 182 15.13 -4.67 -20.67
CA GLN H 182 16.03 -3.82 -21.43
C GLN H 182 16.57 -2.70 -20.54
N LEU H 183 15.65 -1.94 -19.94
CA LEU H 183 16.00 -0.83 -19.05
C LEU H 183 16.87 -1.35 -17.91
N ILE H 184 16.25 -2.10 -17.00
CA ILE H 184 16.96 -2.67 -15.87
C ILE H 184 18.34 -3.17 -16.28
N ALA H 185 18.46 -3.67 -17.51
CA ALA H 185 19.75 -4.16 -17.99
C ALA H 185 20.66 -2.94 -18.02
N GLY H 186 20.43 -2.06 -18.97
CA GLY H 186 21.23 -0.86 -19.09
C GLY H 186 21.54 -0.15 -17.79
N TYR H 187 20.57 -0.08 -16.90
CA TYR H 187 20.79 0.58 -15.62
C TYR H 187 21.70 -0.23 -14.70
N ILE H 188 21.71 -1.55 -14.87
CA ILE H 188 22.57 -2.41 -14.06
C ILE H 188 24.05 -2.24 -14.44
N ASP H 189 24.40 -2.36 -15.72
CA ASP H 189 25.78 -2.17 -16.15
C ASP H 189 26.37 -1.04 -15.36
N ILE H 190 26.01 0.17 -15.80
CA ILE H 190 26.43 1.44 -15.24
C ILE H 190 26.69 1.42 -13.74
N ILE H 191 25.72 0.93 -12.96
CA ILE H 191 25.91 0.91 -11.52
C ILE H 191 26.66 -0.35 -11.09
N LEU H 192 27.98 -0.29 -11.27
CA LEU H 192 28.90 -1.38 -10.94
C LEU H 192 28.58 -2.71 -11.63
#